data_6Q5O
# 
_entry.id   6Q5O 
# 
_audit_conform.dict_name       mmcif_pdbx.dic 
_audit_conform.dict_version    5.398 
_audit_conform.dict_location   http://mmcif.pdb.org/dictionaries/ascii/mmcif_pdbx.dic 
# 
loop_
_database_2.database_id 
_database_2.database_code 
_database_2.pdbx_database_accession 
_database_2.pdbx_DOI 
PDB   6Q5O         pdb_00006q5o 10.2210/pdb6q5o/pdb 
WWPDB D_1200012753 ?            ?                   
# 
loop_
_pdbx_audit_revision_history.ordinal 
_pdbx_audit_revision_history.data_content_type 
_pdbx_audit_revision_history.major_revision 
_pdbx_audit_revision_history.minor_revision 
_pdbx_audit_revision_history.revision_date 
1 'Structure model' 1 0 2019-05-22 
2 'Structure model' 1 1 2019-06-19 
3 'Structure model' 1 2 2024-11-13 
# 
_pdbx_audit_revision_details.ordinal             1 
_pdbx_audit_revision_details.revision_ordinal    1 
_pdbx_audit_revision_details.data_content_type   'Structure model' 
_pdbx_audit_revision_details.provider            repository 
_pdbx_audit_revision_details.type                'Initial release' 
_pdbx_audit_revision_details.description         ? 
_pdbx_audit_revision_details.details             ? 
# 
loop_
_pdbx_audit_revision_group.ordinal 
_pdbx_audit_revision_group.revision_ordinal 
_pdbx_audit_revision_group.data_content_type 
_pdbx_audit_revision_group.group 
1 2 'Structure model' 'Data collection'     
2 2 'Structure model' 'Database references' 
3 3 'Structure model' 'Data collection'     
4 3 'Structure model' 'Database references' 
5 3 'Structure model' 'Structure summary'   
# 
loop_
_pdbx_audit_revision_category.ordinal 
_pdbx_audit_revision_category.revision_ordinal 
_pdbx_audit_revision_category.data_content_type 
_pdbx_audit_revision_category.category 
1 2 'Structure model' citation                  
2 2 'Structure model' citation_author           
3 2 'Structure model' pdbx_database_proc        
4 3 'Structure model' chem_comp_atom            
5 3 'Structure model' chem_comp_bond            
6 3 'Structure model' database_2                
7 3 'Structure model' pdbx_entry_details        
8 3 'Structure model' pdbx_modification_feature 
# 
loop_
_pdbx_audit_revision_item.ordinal 
_pdbx_audit_revision_item.revision_ordinal 
_pdbx_audit_revision_item.data_content_type 
_pdbx_audit_revision_item.item 
1 2 'Structure model' '_citation.journal_volume'            
2 2 'Structure model' '_citation.page_first'                
3 2 'Structure model' '_citation.page_last'                 
4 2 'Structure model' '_citation.title'                     
5 2 'Structure model' '_citation_author.identifier_ORCID'   
6 2 'Structure model' '_citation_author.name'               
7 3 'Structure model' '_database_2.pdbx_DOI'                
8 3 'Structure model' '_database_2.pdbx_database_accession' 
# 
_pdbx_database_status.status_code                     REL 
_pdbx_database_status.status_code_sf                  REL 
_pdbx_database_status.status_code_mr                  ? 
_pdbx_database_status.entry_id                        6Q5O 
_pdbx_database_status.recvd_initial_deposition_date   2018-12-09 
_pdbx_database_status.SG_entry                        N 
_pdbx_database_status.deposit_site                    PDBE 
_pdbx_database_status.process_site                    PDBE 
_pdbx_database_status.status_code_cs                  ? 
_pdbx_database_status.methods_development_category    ? 
_pdbx_database_status.pdb_format_compatible           Y 
_pdbx_database_status.status_code_nmr_data            ? 
# 
loop_
_audit_author.name 
_audit_author.pdbx_ordinal 
_audit_author.identifier_ORCID 
'Rhys, G.G.'     1 0000-0002-0247-9495 
'Wood, C.W.'     2 0000-0003-1243-3105 
'Beesley, J.L.'  3 0000-0003-2203-0027 
'Brady, R.L.'    4 0000-0002-3575-5513 
'Woolfson, D.N.' 5 0000-0002-0394-3202 
# 
_citation.abstract                  ? 
_citation.abstract_id_CAS           ? 
_citation.book_id_ISBN              ? 
_citation.book_publisher            ? 
_citation.book_publisher_city       ? 
_citation.book_title                ? 
_citation.coordinate_linkage        ? 
_citation.country                   US 
_citation.database_id_Medline       ? 
_citation.details                   ? 
_citation.id                        primary 
_citation.journal_abbrev            J.Am.Chem.Soc. 
_citation.journal_id_ASTM           JACSAT 
_citation.journal_id_CSD            ? 
_citation.journal_id_ISSN           1520-5126 
_citation.journal_full              ? 
_citation.journal_issue             ? 
_citation.journal_volume            141 
_citation.language                  ? 
_citation.page_first                8787 
_citation.page_last                 8797 
_citation.title                     'Navigating the Structural Landscape of De Novo alpha-Helical Bundles.' 
_citation.year                      2019 
_citation.database_id_CSD           ? 
_citation.pdbx_database_id_DOI      10.1021/jacs.8b13354 
_citation.pdbx_database_id_PubMed   31066556 
_citation.unpublished_flag          ? 
# 
loop_
_citation_author.citation_id 
_citation_author.name 
_citation_author.ordinal 
_citation_author.identifier_ORCID 
primary 'Rhys, G.G.'     1 0000-0002-0247-9495 
primary 'Wood, C.W.'     2 0000-0003-1243-3105 
primary 'Beesley, J.L.'  3 0000-0003-2203-0027 
primary 'Zaccai, N.R.'   4 0000-0002-1476-2044 
primary 'Burton, A.J.'   5 ?                   
primary 'Brady, R.L.'    6 ?                   
primary 'Thomson, A.R.'  7 0000-0002-1066-1369 
primary 'Woolfson, D.N.' 8 0000-0002-0394-3202 
# 
loop_
_entity.id 
_entity.type 
_entity.src_method 
_entity.pdbx_description 
_entity.formula_weight 
_entity.pdbx_number_of_molecules 
_entity.pdbx_ec 
_entity.pdbx_mutation 
_entity.pdbx_fragment 
_entity.details 
1 polymer syn CC-Hex*-LL 3235.922 1  ? ? ? ? 
2 water   nat water      18.015   26 ? ? ? ? 
# 
_entity_poly.entity_id                      1 
_entity_poly.type                           'polypeptide(L)' 
_entity_poly.nstd_linkage                   no 
_entity_poly.nstd_monomer                   yes 
_entity_poly.pdbx_seq_one_letter_code       '(ACE)GELKALAQELKALAKELKALAWELKALAKG(NH2)' 
_entity_poly.pdbx_seq_one_letter_code_can   XGELKALAQELKALAKELKALAWELKALAKGX 
_entity_poly.pdbx_strand_id                 A 
_entity_poly.pdbx_target_identifier         ? 
# 
_pdbx_entity_nonpoly.entity_id   2 
_pdbx_entity_nonpoly.name        water 
_pdbx_entity_nonpoly.comp_id     HOH 
# 
loop_
_entity_poly_seq.entity_id 
_entity_poly_seq.num 
_entity_poly_seq.mon_id 
_entity_poly_seq.hetero 
1 1  ACE n 
1 2  GLY n 
1 3  GLU n 
1 4  LEU n 
1 5  LYS n 
1 6  ALA n 
1 7  LEU n 
1 8  ALA n 
1 9  GLN n 
1 10 GLU n 
1 11 LEU n 
1 12 LYS n 
1 13 ALA n 
1 14 LEU n 
1 15 ALA n 
1 16 LYS n 
1 17 GLU n 
1 18 LEU n 
1 19 LYS n 
1 20 ALA n 
1 21 LEU n 
1 22 ALA n 
1 23 TRP n 
1 24 GLU n 
1 25 LEU n 
1 26 LYS n 
1 27 ALA n 
1 28 LEU n 
1 29 ALA n 
1 30 LYS n 
1 31 GLY n 
1 32 NH2 n 
# 
_pdbx_entity_src_syn.entity_id              1 
_pdbx_entity_src_syn.pdbx_src_id            1 
_pdbx_entity_src_syn.pdbx_alt_source_flag   sample 
_pdbx_entity_src_syn.pdbx_beg_seq_num       1 
_pdbx_entity_src_syn.pdbx_end_seq_num       32 
_pdbx_entity_src_syn.organism_scientific    'synthetic construct' 
_pdbx_entity_src_syn.organism_common_name   ? 
_pdbx_entity_src_syn.ncbi_taxonomy_id       32630 
_pdbx_entity_src_syn.details                ? 
# 
loop_
_chem_comp.id 
_chem_comp.type 
_chem_comp.mon_nstd_flag 
_chem_comp.name 
_chem_comp.pdbx_synonyms 
_chem_comp.formula 
_chem_comp.formula_weight 
ACE non-polymer         . 'ACETYL GROUP'  ? 'C2 H4 O'        44.053  
ALA 'L-peptide linking' y ALANINE         ? 'C3 H7 N O2'     89.093  
GLN 'L-peptide linking' y GLUTAMINE       ? 'C5 H10 N2 O3'   146.144 
GLU 'L-peptide linking' y 'GLUTAMIC ACID' ? 'C5 H9 N O4'     147.129 
GLY 'peptide linking'   y GLYCINE         ? 'C2 H5 N O2'     75.067  
HOH non-polymer         . WATER           ? 'H2 O'           18.015  
LEU 'L-peptide linking' y LEUCINE         ? 'C6 H13 N O2'    131.173 
LYS 'L-peptide linking' y LYSINE          ? 'C6 H15 N2 O2 1' 147.195 
NH2 non-polymer         . 'AMINO GROUP'   ? 'H2 N'           16.023  
TRP 'L-peptide linking' y TRYPTOPHAN      ? 'C11 H12 N2 O2'  204.225 
# 
loop_
_pdbx_poly_seq_scheme.asym_id 
_pdbx_poly_seq_scheme.entity_id 
_pdbx_poly_seq_scheme.seq_id 
_pdbx_poly_seq_scheme.mon_id 
_pdbx_poly_seq_scheme.ndb_seq_num 
_pdbx_poly_seq_scheme.pdb_seq_num 
_pdbx_poly_seq_scheme.auth_seq_num 
_pdbx_poly_seq_scheme.pdb_mon_id 
_pdbx_poly_seq_scheme.auth_mon_id 
_pdbx_poly_seq_scheme.pdb_strand_id 
_pdbx_poly_seq_scheme.pdb_ins_code 
_pdbx_poly_seq_scheme.hetero 
A 1 1  ACE 1  0  ?  ?   ?   A . n 
A 1 2  GLY 2  1  1  GLY GLY A . n 
A 1 3  GLU 3  2  2  GLU GLU A . n 
A 1 4  LEU 4  3  3  LEU LEU A . n 
A 1 5  LYS 5  4  4  LYS LYS A . n 
A 1 6  ALA 6  5  5  ALA ALA A . n 
A 1 7  LEU 7  6  6  LEU LEU A . n 
A 1 8  ALA 8  7  7  ALA ALA A . n 
A 1 9  GLN 9  8  8  GLN GLN A . n 
A 1 10 GLU 10 9  9  GLU GLU A . n 
A 1 11 LEU 11 10 10 LEU LEU A . n 
A 1 12 LYS 12 11 11 LYS LYS A . n 
A 1 13 ALA 13 12 12 ALA ALA A . n 
A 1 14 LEU 14 13 13 LEU LEU A . n 
A 1 15 ALA 15 14 14 ALA ALA A . n 
A 1 16 LYS 16 15 15 LYS LYS A . n 
A 1 17 GLU 17 16 16 GLU GLU A . n 
A 1 18 LEU 18 17 17 LEU LEU A . n 
A 1 19 LYS 19 18 18 LYS LYS A . n 
A 1 20 ALA 20 19 19 ALA ALA A . n 
A 1 21 LEU 21 20 20 LEU LEU A . n 
A 1 22 ALA 22 21 21 ALA ALA A . n 
A 1 23 TRP 23 22 22 TRP TRP A . n 
A 1 24 GLU 24 23 23 GLU GLU A . n 
A 1 25 LEU 25 24 24 LEU LEU A . n 
A 1 26 LYS 26 25 25 LYS LYS A . n 
A 1 27 ALA 27 26 26 ALA ALA A . n 
A 1 28 LEU 28 27 27 LEU LEU A . n 
A 1 29 ALA 29 28 28 ALA ALA A . n 
A 1 30 LYS 30 29 29 LYS LYS A . n 
A 1 31 GLY 31 30 30 GLY GLY A . n 
A 1 32 NH2 32 31 31 NH2 NH2 A . n 
# 
loop_
_pdbx_nonpoly_scheme.asym_id 
_pdbx_nonpoly_scheme.entity_id 
_pdbx_nonpoly_scheme.mon_id 
_pdbx_nonpoly_scheme.ndb_seq_num 
_pdbx_nonpoly_scheme.pdb_seq_num 
_pdbx_nonpoly_scheme.auth_seq_num 
_pdbx_nonpoly_scheme.pdb_mon_id 
_pdbx_nonpoly_scheme.auth_mon_id 
_pdbx_nonpoly_scheme.pdb_strand_id 
_pdbx_nonpoly_scheme.pdb_ins_code 
B 2 HOH 1  101 28 HOH HOH A . 
B 2 HOH 2  102 11 HOH HOH A . 
B 2 HOH 3  103 25 HOH HOH A . 
B 2 HOH 4  104 15 HOH HOH A . 
B 2 HOH 5  105 4  HOH HOH A . 
B 2 HOH 6  106 19 HOH HOH A . 
B 2 HOH 7  107 14 HOH HOH A . 
B 2 HOH 8  108 9  HOH HOH A . 
B 2 HOH 9  109 1  HOH HOH A . 
B 2 HOH 10 110 5  HOH HOH A . 
B 2 HOH 11 111 29 HOH HOH A . 
B 2 HOH 12 112 24 HOH HOH A . 
B 2 HOH 13 113 2  HOH HOH A . 
B 2 HOH 14 114 8  HOH HOH A . 
B 2 HOH 15 115 7  HOH HOH A . 
B 2 HOH 16 116 18 HOH HOH A . 
B 2 HOH 17 117 26 HOH HOH A . 
B 2 HOH 18 118 16 HOH HOH A . 
B 2 HOH 19 119 6  HOH HOH A . 
B 2 HOH 20 120 22 HOH HOH A . 
B 2 HOH 21 121 23 HOH HOH A . 
B 2 HOH 22 122 17 HOH HOH A . 
B 2 HOH 23 123 21 HOH HOH A . 
B 2 HOH 24 124 20 HOH HOH A . 
B 2 HOH 25 125 27 HOH HOH A . 
B 2 HOH 26 126 3  HOH HOH A . 
# 
loop_
_software.citation_id 
_software.classification 
_software.compiler_name 
_software.compiler_version 
_software.contact_author 
_software.contact_author_email 
_software.date 
_software.description 
_software.dependencies 
_software.hardware 
_software.language 
_software.location 
_software.mods 
_software.name 
_software.os 
_software.os_version 
_software.type 
_software.version 
_software.pdbx_ordinal 
? refinement       ? ? ? ? ? ? ? ? ? ? ? REFMAC  ? ? ? 5.8.0238      1 
? 'data reduction' ? ? ? ? ? ? ? ? ? ? ? XDS     ? ? ? BUILT20180808 2 
? 'data scaling'   ? ? ? ? ? ? ? ? ? ? ? Aimless ? ? ? 0.7.2         3 
? phasing          ? ? ? ? ? ? ? ? ? ? ? PHASER  ? ? ? 2.8.2         4 
# 
_cell.angle_alpha                  90.00 
_cell.angle_alpha_esd              ? 
_cell.angle_beta                   90.00 
_cell.angle_beta_esd               ? 
_cell.angle_gamma                  90.00 
_cell.angle_gamma_esd              ? 
_cell.entry_id                     6Q5O 
_cell.details                      ? 
_cell.formula_units_Z              ? 
_cell.length_a                     28.868 
_cell.length_a_esd                 ? 
_cell.length_b                     29.378 
_cell.length_b_esd                 ? 
_cell.length_c                     55.119 
_cell.length_c_esd                 ? 
_cell.volume                       ? 
_cell.volume_esd                   ? 
_cell.Z_PDB                        8 
_cell.reciprocal_angle_alpha       ? 
_cell.reciprocal_angle_beta        ? 
_cell.reciprocal_angle_gamma       ? 
_cell.reciprocal_angle_alpha_esd   ? 
_cell.reciprocal_angle_beta_esd    ? 
_cell.reciprocal_angle_gamma_esd   ? 
_cell.reciprocal_length_a          ? 
_cell.reciprocal_length_b          ? 
_cell.reciprocal_length_c          ? 
_cell.reciprocal_length_a_esd      ? 
_cell.reciprocal_length_b_esd      ? 
_cell.reciprocal_length_c_esd      ? 
_cell.pdbx_unique_axis             ? 
# 
_symmetry.entry_id                         6Q5O 
_symmetry.cell_setting                     ? 
_symmetry.Int_Tables_number                23 
_symmetry.space_group_name_Hall            ? 
_symmetry.space_group_name_H-M             'I 2 2 2' 
_symmetry.pdbx_full_space_group_name_H-M   ? 
# 
_exptl.absorpt_coefficient_mu     ? 
_exptl.absorpt_correction_T_max   ? 
_exptl.absorpt_correction_T_min   ? 
_exptl.absorpt_correction_type    ? 
_exptl.absorpt_process_details    ? 
_exptl.entry_id                   6Q5O 
_exptl.crystals_number            1 
_exptl.details                    ? 
_exptl.method                     'X-RAY DIFFRACTION' 
_exptl.method_details             ? 
# 
_exptl_crystal.colour                      ? 
_exptl_crystal.density_diffrn              ? 
_exptl_crystal.density_Matthews            1.81 
_exptl_crystal.density_method              ? 
_exptl_crystal.density_percent_sol         31.88 
_exptl_crystal.description                 ? 
_exptl_crystal.F_000                       ? 
_exptl_crystal.id                          1 
_exptl_crystal.preparation                 ? 
_exptl_crystal.size_max                    ? 
_exptl_crystal.size_mid                    ? 
_exptl_crystal.size_min                    ? 
_exptl_crystal.size_rad                    ? 
_exptl_crystal.colour_lustre               ? 
_exptl_crystal.colour_modifier             ? 
_exptl_crystal.colour_primary              ? 
_exptl_crystal.density_meas                ? 
_exptl_crystal.density_meas_esd            ? 
_exptl_crystal.density_meas_gt             ? 
_exptl_crystal.density_meas_lt             ? 
_exptl_crystal.density_meas_temp           ? 
_exptl_crystal.density_meas_temp_esd       ? 
_exptl_crystal.density_meas_temp_gt        ? 
_exptl_crystal.density_meas_temp_lt        ? 
_exptl_crystal.pdbx_crystal_image_url      ? 
_exptl_crystal.pdbx_crystal_image_format   ? 
_exptl_crystal.pdbx_mosaicity              ? 
_exptl_crystal.pdbx_mosaicity_esd          ? 
# 
_exptl_crystal_grow.apparatus       ? 
_exptl_crystal_grow.atmosphere      ? 
_exptl_crystal_grow.crystal_id      1 
_exptl_crystal_grow.details         ? 
_exptl_crystal_grow.method          'VAPOR DIFFUSION, SITTING DROP' 
_exptl_crystal_grow.method_ref      ? 
_exptl_crystal_grow.pH              8.0 
_exptl_crystal_grow.pressure        ? 
_exptl_crystal_grow.pressure_esd    ? 
_exptl_crystal_grow.seeding         ? 
_exptl_crystal_grow.seeding_ref     ? 
_exptl_crystal_grow.temp            293 
_exptl_crystal_grow.temp_details    ? 
_exptl_crystal_grow.temp_esd        ? 
_exptl_crystal_grow.time            ? 
_exptl_crystal_grow.pdbx_details    '0.6 M potassium sodium tartrate tetrahydrate, 50 mM Tris' 
_exptl_crystal_grow.pdbx_pH_range   ? 
# 
_diffrn.ambient_environment              ? 
_diffrn.ambient_temp                     80 
_diffrn.ambient_temp_details             ? 
_diffrn.ambient_temp_esd                 ? 
_diffrn.crystal_id                       1 
_diffrn.crystal_support                  ? 
_diffrn.crystal_treatment                ? 
_diffrn.details                          ? 
_diffrn.id                               1 
_diffrn.ambient_pressure                 ? 
_diffrn.ambient_pressure_esd             ? 
_diffrn.ambient_pressure_gt              ? 
_diffrn.ambient_pressure_lt              ? 
_diffrn.ambient_temp_gt                  ? 
_diffrn.ambient_temp_lt                  ? 
_diffrn.pdbx_serial_crystal_experiment   N 
# 
_diffrn_detector.details                      ? 
_diffrn_detector.detector                     PIXEL 
_diffrn_detector.diffrn_id                    1 
_diffrn_detector.type                         'DECTRIS PILATUS3 6M' 
_diffrn_detector.area_resol_mean              ? 
_diffrn_detector.dtime                        ? 
_diffrn_detector.pdbx_frames_total            ? 
_diffrn_detector.pdbx_collection_time_total   ? 
_diffrn_detector.pdbx_collection_date         2018-10-22 
_diffrn_detector.pdbx_frequency               ? 
# 
_diffrn_radiation.collimation                      ? 
_diffrn_radiation.diffrn_id                        1 
_diffrn_radiation.filter_edge                      ? 
_diffrn_radiation.inhomogeneity                    ? 
_diffrn_radiation.monochromator                    ? 
_diffrn_radiation.polarisn_norm                    ? 
_diffrn_radiation.polarisn_ratio                   ? 
_diffrn_radiation.probe                            ? 
_diffrn_radiation.type                             ? 
_diffrn_radiation.xray_symbol                      ? 
_diffrn_radiation.wavelength_id                    1 
_diffrn_radiation.pdbx_monochromatic_or_laue_m_l   M 
_diffrn_radiation.pdbx_wavelength_list             ? 
_diffrn_radiation.pdbx_wavelength                  ? 
_diffrn_radiation.pdbx_diffrn_protocol             'SINGLE WAVELENGTH' 
_diffrn_radiation.pdbx_analyzer                    ? 
_diffrn_radiation.pdbx_scattering_type             x-ray 
# 
_diffrn_radiation_wavelength.id           1 
_diffrn_radiation_wavelength.wavelength   0.77999 
_diffrn_radiation_wavelength.wt           1.0 
# 
_diffrn_source.current                     ? 
_diffrn_source.details                     ? 
_diffrn_source.diffrn_id                   1 
_diffrn_source.power                       ? 
_diffrn_source.size                        ? 
_diffrn_source.source                      SYNCHROTRON 
_diffrn_source.target                      ? 
_diffrn_source.type                        'DIAMOND BEAMLINE I03' 
_diffrn_source.voltage                     ? 
_diffrn_source.take-off_angle              ? 
_diffrn_source.pdbx_wavelength_list        0.77999 
_diffrn_source.pdbx_wavelength             ? 
_diffrn_source.pdbx_synchrotron_beamline   I03 
_diffrn_source.pdbx_synchrotron_site       Diamond 
# 
_reflns.B_iso_Wilson_estimate            ? 
_reflns.entry_id                         6Q5O 
_reflns.data_reduction_details           ? 
_reflns.data_reduction_method            ? 
_reflns.d_resolution_high                1.000 
_reflns.d_resolution_low                 27.56 
_reflns.details                          ? 
_reflns.limit_h_max                      ? 
_reflns.limit_h_min                      ? 
_reflns.limit_k_max                      ? 
_reflns.limit_k_min                      ? 
_reflns.limit_l_max                      ? 
_reflns.limit_l_min                      ? 
_reflns.number_all                       ? 
_reflns.number_obs                       13041 
_reflns.observed_criterion               ? 
_reflns.observed_criterion_F_max         ? 
_reflns.observed_criterion_F_min         ? 
_reflns.observed_criterion_I_max         ? 
_reflns.observed_criterion_I_min         ? 
_reflns.observed_criterion_sigma_F       ? 
_reflns.observed_criterion_sigma_I       ? 
_reflns.percent_possible_obs             99.9 
_reflns.R_free_details                   ? 
_reflns.Rmerge_F_all                     ? 
_reflns.Rmerge_F_obs                     ? 
_reflns.Friedel_coverage                 ? 
_reflns.number_gt                        ? 
_reflns.threshold_expression             ? 
_reflns.pdbx_redundancy                  12.5 
_reflns.pdbx_Rmerge_I_obs                0.05 
_reflns.pdbx_Rmerge_I_all                ? 
_reflns.pdbx_Rsym_value                  ? 
_reflns.pdbx_netI_over_av_sigmaI         ? 
_reflns.pdbx_netI_over_sigmaI            15.5 
_reflns.pdbx_res_netI_over_av_sigmaI_2   ? 
_reflns.pdbx_res_netI_over_sigmaI_2      ? 
_reflns.pdbx_chi_squared                 ? 
_reflns.pdbx_scaling_rejects             ? 
_reflns.pdbx_d_res_high_opt              ? 
_reflns.pdbx_d_res_low_opt               ? 
_reflns.pdbx_d_res_opt_method            ? 
_reflns.phase_calculation_details        ? 
_reflns.pdbx_Rrim_I_all                  0.054 
_reflns.pdbx_Rpim_I_all                  0.021 
_reflns.pdbx_d_opt                       ? 
_reflns.pdbx_number_measured_all         ? 
_reflns.pdbx_diffrn_id                   1 
_reflns.pdbx_ordinal                     1 
_reflns.pdbx_CC_half                     0.999 
_reflns.pdbx_R_split                     ? 
# 
loop_
_reflns_shell.d_res_high 
_reflns_shell.d_res_low 
_reflns_shell.meanI_over_sigI_all 
_reflns_shell.meanI_over_sigI_obs 
_reflns_shell.number_measured_all 
_reflns_shell.number_measured_obs 
_reflns_shell.number_possible 
_reflns_shell.number_unique_all 
_reflns_shell.number_unique_obs 
_reflns_shell.percent_possible_all 
_reflns_shell.percent_possible_obs 
_reflns_shell.Rmerge_F_all 
_reflns_shell.Rmerge_F_obs 
_reflns_shell.Rmerge_I_all 
_reflns_shell.Rmerge_I_obs 
_reflns_shell.meanI_over_sigI_gt 
_reflns_shell.meanI_over_uI_all 
_reflns_shell.meanI_over_uI_gt 
_reflns_shell.number_measured_gt 
_reflns_shell.number_unique_gt 
_reflns_shell.percent_possible_gt 
_reflns_shell.Rmerge_F_gt 
_reflns_shell.Rmerge_I_gt 
_reflns_shell.pdbx_redundancy 
_reflns_shell.pdbx_Rsym_value 
_reflns_shell.pdbx_chi_squared 
_reflns_shell.pdbx_netI_over_sigmaI_all 
_reflns_shell.pdbx_netI_over_sigmaI_obs 
_reflns_shell.pdbx_Rrim_I_all 
_reflns_shell.pdbx_Rpim_I_all 
_reflns_shell.pdbx_rejects 
_reflns_shell.pdbx_ordinal 
_reflns_shell.pdbx_diffrn_id 
_reflns_shell.pdbx_CC_half 
_reflns_shell.pdbx_R_split 
1.000 1.017 ? 0.4  ? ? ? ? 643 100  ? ? ? ? 4.401 ? ? ? ? ? ? ? ? 12.8 ? ? ? ? 4.769 1.826 ? 1 1 0.45  ? 
2.714 27.56 ? 61.8 ? ? ? ? 721 99.6 ? ? ? ? 0.034 ? ? ? ? ? ? ? ? 11.4 ? ? ? ? 0.037 0.014 ? 2 1 0.999 ? 
# 
_refine.aniso_B[1][1]                            1.32 
_refine.aniso_B[1][2]                            -0.00 
_refine.aniso_B[1][3]                            0.00 
_refine.aniso_B[2][2]                            -0.38 
_refine.aniso_B[2][3]                            -0.00 
_refine.aniso_B[3][3]                            -0.94 
_refine.B_iso_max                                ? 
_refine.B_iso_mean                               19.543 
_refine.B_iso_min                                ? 
_refine.correlation_coeff_Fo_to_Fc               0.967 
_refine.correlation_coeff_Fo_to_Fc_free          0.976 
_refine.details                                  'HYDROGENS HAVE BEEN ADDED IN THE RIDING POSITIONS' 
_refine.diff_density_max                         ? 
_refine.diff_density_max_esd                     ? 
_refine.diff_density_min                         ? 
_refine.diff_density_min_esd                     ? 
_refine.diff_density_rms                         ? 
_refine.diff_density_rms_esd                     ? 
_refine.entry_id                                 6Q5O 
_refine.pdbx_refine_id                           'X-RAY DIFFRACTION' 
_refine.ls_abs_structure_details                 ? 
_refine.ls_abs_structure_Flack                   ? 
_refine.ls_abs_structure_Flack_esd               ? 
_refine.ls_abs_structure_Rogers                  ? 
_refine.ls_abs_structure_Rogers_esd              ? 
_refine.ls_d_res_high                            1.00 
_refine.ls_d_res_low                             27.56 
_refine.ls_extinction_coef                       ? 
_refine.ls_extinction_coef_esd                   ? 
_refine.ls_extinction_expression                 ? 
_refine.ls_extinction_method                     ? 
_refine.ls_goodness_of_fit_all                   ? 
_refine.ls_goodness_of_fit_all_esd               ? 
_refine.ls_goodness_of_fit_obs                   ? 
_refine.ls_goodness_of_fit_obs_esd               ? 
_refine.ls_hydrogen_treatment                    ? 
_refine.ls_matrix_type                           ? 
_refine.ls_number_constraints                    ? 
_refine.ls_number_parameters                     ? 
_refine.ls_number_reflns_all                     ? 
_refine.ls_number_reflns_obs                     12350 
_refine.ls_number_reflns_R_free                  691 
_refine.ls_number_reflns_R_work                  ? 
_refine.ls_number_restraints                     ? 
_refine.ls_percent_reflns_obs                    99.92 
_refine.ls_percent_reflns_R_free                 5.3 
_refine.ls_R_factor_all                          ? 
_refine.ls_R_factor_obs                          0.17017 
_refine.ls_R_factor_R_free                       0.21193 
_refine.ls_R_factor_R_free_error                 ? 
_refine.ls_R_factor_R_free_error_details         ? 
_refine.ls_R_factor_R_work                       0.16793 
_refine.ls_R_Fsqd_factor_obs                     ? 
_refine.ls_R_I_factor_obs                        ? 
_refine.ls_redundancy_reflns_all                 ? 
_refine.ls_redundancy_reflns_obs                 ? 
_refine.ls_restrained_S_all                      ? 
_refine.ls_restrained_S_obs                      ? 
_refine.ls_shift_over_esd_max                    ? 
_refine.ls_shift_over_esd_mean                   ? 
_refine.ls_structure_factor_coef                 ? 
_refine.ls_weighting_details                     ? 
_refine.ls_weighting_scheme                      ? 
_refine.ls_wR_factor_all                         ? 
_refine.ls_wR_factor_obs                         ? 
_refine.ls_wR_factor_R_free                      ? 
_refine.ls_wR_factor_R_work                      ? 
_refine.occupancy_max                            ? 
_refine.occupancy_min                            ? 
_refine.solvent_model_details                    ? 
_refine.solvent_model_param_bsol                 ? 
_refine.solvent_model_param_ksol                 ? 
_refine.ls_R_factor_gt                           ? 
_refine.ls_goodness_of_fit_gt                    ? 
_refine.ls_goodness_of_fit_ref                   ? 
_refine.ls_shift_over_su_max                     ? 
_refine.ls_shift_over_su_max_lt                  ? 
_refine.ls_shift_over_su_mean                    ? 
_refine.ls_shift_over_su_mean_lt                 ? 
_refine.pdbx_ls_sigma_I                          ? 
_refine.pdbx_ls_sigma_F                          ? 
_refine.pdbx_ls_sigma_Fsqd                       ? 
_refine.pdbx_data_cutoff_high_absF               ? 
_refine.pdbx_data_cutoff_high_rms_absF           ? 
_refine.pdbx_data_cutoff_low_absF                ? 
_refine.pdbx_isotropic_thermal_model             ? 
_refine.pdbx_ls_cross_valid_method               THROUGHOUT 
_refine.pdbx_method_to_determine_struct          'MOLECULAR REPLACEMENT' 
_refine.pdbx_starting_model                      ? 
_refine.pdbx_stereochemistry_target_values       ? 
_refine.pdbx_R_Free_selection_details            RANDOM 
_refine.pdbx_stereochem_target_val_spec_case     ? 
_refine.pdbx_overall_ESU_R                       0.033 
_refine.pdbx_overall_ESU_R_Free                  0.036 
_refine.pdbx_solvent_vdw_probe_radii             1.10 
_refine.pdbx_solvent_ion_probe_radii             0.70 
_refine.pdbx_solvent_shrinkage_radii             0.70 
_refine.pdbx_real_space_R                        ? 
_refine.pdbx_density_correlation                 ? 
_refine.pdbx_pd_number_of_powder_patterns        ? 
_refine.pdbx_pd_number_of_points                 ? 
_refine.pdbx_pd_meas_number_of_points            ? 
_refine.pdbx_pd_proc_ls_prof_R_factor            ? 
_refine.pdbx_pd_proc_ls_prof_wR_factor           ? 
_refine.pdbx_pd_Marquardt_correlation_coeff      ? 
_refine.pdbx_pd_Fsqrd_R_factor                   ? 
_refine.pdbx_pd_ls_matrix_band_width             ? 
_refine.pdbx_overall_phase_error                 ? 
_refine.pdbx_overall_SU_R_free_Cruickshank_DPI   ? 
_refine.pdbx_overall_SU_R_free_Blow_DPI          ? 
_refine.pdbx_overall_SU_R_Blow_DPI               ? 
_refine.pdbx_TLS_residual_ADP_flag               ? 
_refine.pdbx_diffrn_id                           1 
_refine.overall_SU_B                             1.873 
_refine.overall_SU_ML                            0.039 
_refine.overall_SU_R_Cruickshank_DPI             ? 
_refine.overall_SU_R_free                        ? 
_refine.overall_FOM_free_R_set                   ? 
_refine.overall_FOM_work_R_set                   ? 
_refine.pdbx_average_fsc_overall                 ? 
_refine.pdbx_average_fsc_work                    ? 
_refine.pdbx_average_fsc_free                    ? 
# 
_refine_hist.pdbx_refine_id                   'X-RAY DIFFRACTION' 
_refine_hist.cycle_id                         1 
_refine_hist.pdbx_number_atoms_protein        226 
_refine_hist.pdbx_number_atoms_nucleic_acid   0 
_refine_hist.pdbx_number_atoms_ligand         0 
_refine_hist.number_atoms_solvent             26 
_refine_hist.number_atoms_total               252 
_refine_hist.d_res_high                       1.00 
_refine_hist.d_res_low                        27.56 
# 
loop_
_refine_ls_restr.pdbx_refine_id 
_refine_ls_restr.criterion 
_refine_ls_restr.dev_ideal 
_refine_ls_restr.dev_ideal_target 
_refine_ls_restr.number 
_refine_ls_restr.rejects 
_refine_ls_restr.type 
_refine_ls_restr.weight 
_refine_ls_restr.pdbx_restraint_function 
'X-RAY DIFFRACTION' ? 0.012  0.013  328 ? r_bond_refined_d             ? ? 
'X-RAY DIFFRACTION' ? 0.001  0.017  365 ? r_bond_other_d               ? ? 
'X-RAY DIFFRACTION' ? 1.816  1.612  453 ? r_angle_refined_deg          ? ? 
'X-RAY DIFFRACTION' ? 1.521  1.592  857 ? r_angle_other_deg            ? ? 
'X-RAY DIFFRACTION' ? 3.611  5.000  48  ? r_dihedral_angle_1_deg       ? ? 
'X-RAY DIFFRACTION' ? 38.584 27.778 9   ? r_dihedral_angle_2_deg       ? ? 
'X-RAY DIFFRACTION' ? 16.372 15.000 76  ? r_dihedral_angle_3_deg       ? ? 
'X-RAY DIFFRACTION' ? ?      ?      ?   ? r_dihedral_angle_4_deg       ? ? 
'X-RAY DIFFRACTION' ? 0.082  0.200  39  ? r_chiral_restr               ? ? 
'X-RAY DIFFRACTION' ? 0.007  0.020  378 ? r_gen_planes_refined         ? ? 
'X-RAY DIFFRACTION' ? 0.003  0.020  58  ? r_gen_planes_other           ? ? 
'X-RAY DIFFRACTION' ? ?      ?      ?   ? r_nbd_refined                ? ? 
'X-RAY DIFFRACTION' ? ?      ?      ?   ? r_nbd_other                  ? ? 
'X-RAY DIFFRACTION' ? ?      ?      ?   ? r_nbtor_refined              ? ? 
'X-RAY DIFFRACTION' ? ?      ?      ?   ? r_nbtor_other                ? ? 
'X-RAY DIFFRACTION' ? ?      ?      ?   ? r_xyhbond_nbd_refined        ? ? 
'X-RAY DIFFRACTION' ? ?      ?      ?   ? r_xyhbond_nbd_other          ? ? 
'X-RAY DIFFRACTION' ? ?      ?      ?   ? r_metal_ion_refined          ? ? 
'X-RAY DIFFRACTION' ? ?      ?      ?   ? r_metal_ion_other            ? ? 
'X-RAY DIFFRACTION' ? ?      ?      ?   ? r_symmetry_vdw_refined       ? ? 
'X-RAY DIFFRACTION' ? ?      ?      ?   ? r_symmetry_vdw_other         ? ? 
'X-RAY DIFFRACTION' ? ?      ?      ?   ? r_symmetry_hbond_refined     ? ? 
'X-RAY DIFFRACTION' ? ?      ?      ?   ? r_symmetry_hbond_other       ? ? 
'X-RAY DIFFRACTION' ? ?      ?      ?   ? r_symmetry_metal_ion_refined ? ? 
'X-RAY DIFFRACTION' ? ?      ?      ?   ? r_symmetry_metal_ion_other   ? ? 
'X-RAY DIFFRACTION' ? 1.357  1.628  164 ? r_mcbond_it                  ? ? 
'X-RAY DIFFRACTION' ? 1.269  1.600  162 ? r_mcbond_other               ? ? 
'X-RAY DIFFRACTION' ? 1.726  2.436  215 ? r_mcangle_it                 ? ? 
'X-RAY DIFFRACTION' ? 1.640  2.429  215 ? r_mcangle_other              ? ? 
'X-RAY DIFFRACTION' ? 1.851  2.026  164 ? r_scbond_it                  ? ? 
'X-RAY DIFFRACTION' ? 1.830  2.021  164 ? r_scbond_other               ? ? 
'X-RAY DIFFRACTION' ? ?      ?      ?   ? r_scangle_it                 ? ? 
'X-RAY DIFFRACTION' ? 2.167  2.831  235 ? r_scangle_other              ? ? 
'X-RAY DIFFRACTION' ? 3.816  19.851 392 ? r_long_range_B_refined       ? ? 
'X-RAY DIFFRACTION' ? 3.505  19.267 386 ? r_long_range_B_other         ? ? 
'X-RAY DIFFRACTION' ? 2.640  3.000  693 ? r_rigid_bond_restr           ? ? 
'X-RAY DIFFRACTION' ? ?      ?      ?   ? r_sphericity_free            ? ? 
'X-RAY DIFFRACTION' ? ?      ?      ?   ? r_sphericity_bonded          ? ? 
# 
_refine_ls_shell.pdbx_refine_id                   'X-RAY DIFFRACTION' 
_refine_ls_shell.d_res_high                       1.000 
_refine_ls_shell.d_res_low                        1.026 
_refine_ls_shell.number_reflns_all                ? 
_refine_ls_shell.number_reflns_obs                ? 
_refine_ls_shell.number_reflns_R_free             58 
_refine_ls_shell.number_reflns_R_work             886 
_refine_ls_shell.percent_reflns_obs               99.89 
_refine_ls_shell.percent_reflns_R_free            ? 
_refine_ls_shell.R_factor_all                     ? 
_refine_ls_shell.R_factor_obs                     ? 
_refine_ls_shell.R_factor_R_free                  0.439 
_refine_ls_shell.R_factor_R_free_error            ? 
_refine_ls_shell.R_factor_R_work                  0.398 
_refine_ls_shell.redundancy_reflns_all            ? 
_refine_ls_shell.redundancy_reflns_obs            ? 
_refine_ls_shell.wR_factor_all                    ? 
_refine_ls_shell.wR_factor_obs                    ? 
_refine_ls_shell.wR_factor_R_free                 ? 
_refine_ls_shell.wR_factor_R_work                 ? 
_refine_ls_shell.pdbx_total_number_of_bins_used   20 
_refine_ls_shell.pdbx_phase_error                 ? 
_refine_ls_shell.pdbx_fsc_work                    ? 
_refine_ls_shell.pdbx_fsc_free                    ? 
# 
_struct.entry_id                     6Q5O 
_struct.title                        
'Crystal structure of a CC-Hex mutant that forms an antiparallel four-helix coiled coil CC-Hex*-LL' 
_struct.pdbx_model_details           ? 
_struct.pdbx_formula_weight          ? 
_struct.pdbx_formula_weight_method   ? 
_struct.pdbx_model_type_details      ? 
_struct.pdbx_CASP_flag               N 
# 
_struct_keywords.entry_id        6Q5O 
_struct_keywords.text            'coiled coil, tetramer, synthetic, antiparallel, cc-hex, DE NOVO PROTEIN' 
_struct_keywords.pdbx_keywords   'DE NOVO PROTEIN' 
# 
loop_
_struct_asym.id 
_struct_asym.pdbx_blank_PDB_chainid_flag 
_struct_asym.pdbx_modified 
_struct_asym.entity_id 
_struct_asym.details 
A N N 1 ? 
B N N 2 ? 
# 
_struct_ref.id                         1 
_struct_ref.db_name                    PDB 
_struct_ref.db_code                    6Q5O 
_struct_ref.pdbx_db_accession          6Q5O 
_struct_ref.pdbx_db_isoform            ? 
_struct_ref.entity_id                  1 
_struct_ref.pdbx_seq_one_letter_code   ? 
_struct_ref.pdbx_align_begin           1 
# 
_struct_ref_seq.align_id                      1 
_struct_ref_seq.ref_id                        1 
_struct_ref_seq.pdbx_PDB_id_code              6Q5O 
_struct_ref_seq.pdbx_strand_id                A 
_struct_ref_seq.seq_align_beg                 1 
_struct_ref_seq.pdbx_seq_align_beg_ins_code   ? 
_struct_ref_seq.seq_align_end                 32 
_struct_ref_seq.pdbx_seq_align_end_ins_code   ? 
_struct_ref_seq.pdbx_db_accession             6Q5O 
_struct_ref_seq.db_align_beg                  0 
_struct_ref_seq.pdbx_db_align_beg_ins_code    ? 
_struct_ref_seq.db_align_end                  31 
_struct_ref_seq.pdbx_db_align_end_ins_code    ? 
_struct_ref_seq.pdbx_auth_seq_align_beg       0 
_struct_ref_seq.pdbx_auth_seq_align_end       31 
# 
_pdbx_struct_assembly.id                   1 
_pdbx_struct_assembly.details              author_and_software_defined_assembly 
_pdbx_struct_assembly.method_details       PISA 
_pdbx_struct_assembly.oligomeric_details   tetrameric 
_pdbx_struct_assembly.oligomeric_count     4 
# 
loop_
_pdbx_struct_assembly_prop.biol_id 
_pdbx_struct_assembly_prop.type 
_pdbx_struct_assembly_prop.value 
_pdbx_struct_assembly_prop.details 
1 'ABSA (A^2)' 6050 ? 
1 MORE         -61  ? 
1 'SSA (A^2)'  6960 ? 
# 
_pdbx_struct_assembly_gen.assembly_id       1 
_pdbx_struct_assembly_gen.oper_expression   1,2,3,4 
_pdbx_struct_assembly_gen.asym_id_list      A,B 
# 
_pdbx_struct_assembly_auth_evidence.id                     1 
_pdbx_struct_assembly_auth_evidence.assembly_id            1 
_pdbx_struct_assembly_auth_evidence.experimental_support   'equilibrium centrifugation' 
_pdbx_struct_assembly_auth_evidence.details                ? 
# 
loop_
_pdbx_struct_oper_list.id 
_pdbx_struct_oper_list.type 
_pdbx_struct_oper_list.name 
_pdbx_struct_oper_list.symmetry_operation 
_pdbx_struct_oper_list.matrix[1][1] 
_pdbx_struct_oper_list.matrix[1][2] 
_pdbx_struct_oper_list.matrix[1][3] 
_pdbx_struct_oper_list.vector[1] 
_pdbx_struct_oper_list.matrix[2][1] 
_pdbx_struct_oper_list.matrix[2][2] 
_pdbx_struct_oper_list.matrix[2][3] 
_pdbx_struct_oper_list.vector[2] 
_pdbx_struct_oper_list.matrix[3][1] 
_pdbx_struct_oper_list.matrix[3][2] 
_pdbx_struct_oper_list.matrix[3][3] 
_pdbx_struct_oper_list.vector[3] 
1 'identity operation'         1_555 x,y,z   1.0000000000  0.0000000000  0.0000000000  0.0000000000  0.0000000000  1.0000000000  0.0000000000  0.0000000000  0.0000000000  0.0000000000  1.0000000000  0.0000000000  
2 'crystal symmetry operation' 2_555 -x,-y,z 0.3483957186  0.7740366008  -0.5286660230 -7.3928843360 0.7740366008  -0.5556700076 -0.3034768249 8.3229929854  -0.5286660230 -0.3034768249 -0.7927257110 -6.6700567742 
3 'crystal symmetry operation' 3_555 -x,y,-z -0.8189838842 0.0733639017  0.5691073144  -2.5683440399 0.0733639017  -0.9702663929 0.2306531266  10.7107983698 0.5691073144  0.2306531266  0.7892502771  -0.5638203700 
4 'crystal symmetry operation' 4_555 x,-y,-z -0.5294118344 -0.8474005025 -0.0404412913 0.3009382310  -0.8474005025 0.5259364005  0.0728236983  0.5544376988  -0.0404412913 0.0728236983  -0.9965245661 -8.1157847227 
# 
_struct_conf.conf_type_id            HELX_P 
_struct_conf.id                      HELX_P1 
_struct_conf.pdbx_PDB_helix_id       AA1 
_struct_conf.beg_label_comp_id       GLU 
_struct_conf.beg_label_asym_id       A 
_struct_conf.beg_label_seq_id        3 
_struct_conf.pdbx_beg_PDB_ins_code   ? 
_struct_conf.end_label_comp_id       GLY 
_struct_conf.end_label_asym_id       A 
_struct_conf.end_label_seq_id        31 
_struct_conf.pdbx_end_PDB_ins_code   ? 
_struct_conf.beg_auth_comp_id        GLU 
_struct_conf.beg_auth_asym_id        A 
_struct_conf.beg_auth_seq_id         2 
_struct_conf.end_auth_comp_id        GLY 
_struct_conf.end_auth_asym_id        A 
_struct_conf.end_auth_seq_id         30 
_struct_conf.pdbx_PDB_helix_class    1 
_struct_conf.details                 ? 
_struct_conf.pdbx_PDB_helix_length   29 
# 
_struct_conf_type.id          HELX_P 
_struct_conf_type.criteria    ? 
_struct_conf_type.reference   ? 
# 
_struct_conn.id                            covale1 
_struct_conn.conn_type_id                  covale 
_struct_conn.pdbx_leaving_atom_flag        both 
_struct_conn.pdbx_PDB_id                   ? 
_struct_conn.ptnr1_label_asym_id           A 
_struct_conn.ptnr1_label_comp_id           GLY 
_struct_conn.ptnr1_label_seq_id            31 
_struct_conn.ptnr1_label_atom_id           C 
_struct_conn.pdbx_ptnr1_label_alt_id       ? 
_struct_conn.pdbx_ptnr1_PDB_ins_code       ? 
_struct_conn.pdbx_ptnr1_standard_comp_id   ? 
_struct_conn.ptnr1_symmetry                1_555 
_struct_conn.ptnr2_label_asym_id           A 
_struct_conn.ptnr2_label_comp_id           NH2 
_struct_conn.ptnr2_label_seq_id            32 
_struct_conn.ptnr2_label_atom_id           N 
_struct_conn.pdbx_ptnr2_label_alt_id       ? 
_struct_conn.pdbx_ptnr2_PDB_ins_code       ? 
_struct_conn.ptnr1_auth_asym_id            A 
_struct_conn.ptnr1_auth_comp_id            GLY 
_struct_conn.ptnr1_auth_seq_id             30 
_struct_conn.ptnr2_auth_asym_id            A 
_struct_conn.ptnr2_auth_comp_id            NH2 
_struct_conn.ptnr2_auth_seq_id             31 
_struct_conn.ptnr2_symmetry                1_555 
_struct_conn.pdbx_ptnr3_label_atom_id      ? 
_struct_conn.pdbx_ptnr3_label_seq_id       ? 
_struct_conn.pdbx_ptnr3_label_comp_id      ? 
_struct_conn.pdbx_ptnr3_label_asym_id      ? 
_struct_conn.pdbx_ptnr3_label_alt_id       ? 
_struct_conn.pdbx_ptnr3_PDB_ins_code       ? 
_struct_conn.details                       ? 
_struct_conn.pdbx_dist_value               1.233 
_struct_conn.pdbx_value_order              ? 
_struct_conn.pdbx_role                     ? 
# 
_struct_conn_type.id          covale 
_struct_conn_type.criteria    ? 
_struct_conn_type.reference   ? 
# 
_pdbx_modification_feature.ordinal                            1 
_pdbx_modification_feature.label_comp_id                      NH2 
_pdbx_modification_feature.label_asym_id                      A 
_pdbx_modification_feature.label_seq_id                       32 
_pdbx_modification_feature.label_alt_id                       ? 
_pdbx_modification_feature.modified_residue_label_comp_id     GLY 
_pdbx_modification_feature.modified_residue_label_asym_id     A 
_pdbx_modification_feature.modified_residue_label_seq_id      31 
_pdbx_modification_feature.modified_residue_label_alt_id      ? 
_pdbx_modification_feature.auth_comp_id                       NH2 
_pdbx_modification_feature.auth_asym_id                       A 
_pdbx_modification_feature.auth_seq_id                        31 
_pdbx_modification_feature.PDB_ins_code                       ? 
_pdbx_modification_feature.symmetry                           1_555 
_pdbx_modification_feature.modified_residue_auth_comp_id      GLY 
_pdbx_modification_feature.modified_residue_auth_asym_id      A 
_pdbx_modification_feature.modified_residue_auth_seq_id       30 
_pdbx_modification_feature.modified_residue_PDB_ins_code      ? 
_pdbx_modification_feature.modified_residue_symmetry          1_555 
_pdbx_modification_feature.comp_id_linking_atom               . 
_pdbx_modification_feature.modified_residue_id_linking_atom   . 
_pdbx_modification_feature.modified_residue_id                GLY 
_pdbx_modification_feature.ref_pcm_id                         12 
_pdbx_modification_feature.ref_comp_id                        NH2 
_pdbx_modification_feature.type                               None 
_pdbx_modification_feature.category                           'Terminal amidation' 
# 
_pdbx_entry_details.entry_id                   6Q5O 
_pdbx_entry_details.compound_details           ? 
_pdbx_entry_details.source_details             ? 
_pdbx_entry_details.nonpolymer_details         ? 
_pdbx_entry_details.sequence_details           ? 
_pdbx_entry_details.has_ligand_of_interest     ? 
_pdbx_entry_details.has_protein_modification   Y 
# 
_pdbx_validate_close_contact.id               1 
_pdbx_validate_close_contact.PDB_model_num    1 
_pdbx_validate_close_contact.auth_atom_id_1   NZ 
_pdbx_validate_close_contact.auth_asym_id_1   A 
_pdbx_validate_close_contact.auth_comp_id_1   LYS 
_pdbx_validate_close_contact.auth_seq_id_1    25 
_pdbx_validate_close_contact.PDB_ins_code_1   ? 
_pdbx_validate_close_contact.label_alt_id_1   ? 
_pdbx_validate_close_contact.auth_atom_id_2   O 
_pdbx_validate_close_contact.auth_asym_id_2   A 
_pdbx_validate_close_contact.auth_comp_id_2   HOH 
_pdbx_validate_close_contact.auth_seq_id_2    101 
_pdbx_validate_close_contact.PDB_ins_code_2   ? 
_pdbx_validate_close_contact.label_alt_id_2   ? 
_pdbx_validate_close_contact.dist             2.15 
# 
loop_
_pdbx_struct_special_symmetry.id 
_pdbx_struct_special_symmetry.PDB_model_num 
_pdbx_struct_special_symmetry.auth_asym_id 
_pdbx_struct_special_symmetry.auth_comp_id 
_pdbx_struct_special_symmetry.auth_seq_id 
_pdbx_struct_special_symmetry.PDB_ins_code 
_pdbx_struct_special_symmetry.label_asym_id 
_pdbx_struct_special_symmetry.label_comp_id 
_pdbx_struct_special_symmetry.label_seq_id 
1 1 A HOH 104 ? B HOH . 
2 1 A HOH 121 ? B HOH . 
# 
_pdbx_unobs_or_zero_occ_residues.id               1 
_pdbx_unobs_or_zero_occ_residues.PDB_model_num    1 
_pdbx_unobs_or_zero_occ_residues.polymer_flag     Y 
_pdbx_unobs_or_zero_occ_residues.occupancy_flag   1 
_pdbx_unobs_or_zero_occ_residues.auth_asym_id     A 
_pdbx_unobs_or_zero_occ_residues.auth_comp_id     ACE 
_pdbx_unobs_or_zero_occ_residues.auth_seq_id      0 
_pdbx_unobs_or_zero_occ_residues.PDB_ins_code     ? 
_pdbx_unobs_or_zero_occ_residues.label_asym_id    A 
_pdbx_unobs_or_zero_occ_residues.label_comp_id    ACE 
_pdbx_unobs_or_zero_occ_residues.label_seq_id     1 
# 
loop_
_chem_comp_atom.comp_id 
_chem_comp_atom.atom_id 
_chem_comp_atom.type_symbol 
_chem_comp_atom.pdbx_aromatic_flag 
_chem_comp_atom.pdbx_stereo_config 
_chem_comp_atom.pdbx_ordinal 
ACE C    C N N 1   
ACE O    O N N 2   
ACE CH3  C N N 3   
ACE H    H N N 4   
ACE H1   H N N 5   
ACE H2   H N N 6   
ACE H3   H N N 7   
ALA N    N N N 8   
ALA CA   C N S 9   
ALA C    C N N 10  
ALA O    O N N 11  
ALA CB   C N N 12  
ALA OXT  O N N 13  
ALA H    H N N 14  
ALA H2   H N N 15  
ALA HA   H N N 16  
ALA HB1  H N N 17  
ALA HB2  H N N 18  
ALA HB3  H N N 19  
ALA HXT  H N N 20  
GLN N    N N N 21  
GLN CA   C N S 22  
GLN C    C N N 23  
GLN O    O N N 24  
GLN CB   C N N 25  
GLN CG   C N N 26  
GLN CD   C N N 27  
GLN OE1  O N N 28  
GLN NE2  N N N 29  
GLN OXT  O N N 30  
GLN H    H N N 31  
GLN H2   H N N 32  
GLN HA   H N N 33  
GLN HB2  H N N 34  
GLN HB3  H N N 35  
GLN HG2  H N N 36  
GLN HG3  H N N 37  
GLN HE21 H N N 38  
GLN HE22 H N N 39  
GLN HXT  H N N 40  
GLU N    N N N 41  
GLU CA   C N S 42  
GLU C    C N N 43  
GLU O    O N N 44  
GLU CB   C N N 45  
GLU CG   C N N 46  
GLU CD   C N N 47  
GLU OE1  O N N 48  
GLU OE2  O N N 49  
GLU OXT  O N N 50  
GLU H    H N N 51  
GLU H2   H N N 52  
GLU HA   H N N 53  
GLU HB2  H N N 54  
GLU HB3  H N N 55  
GLU HG2  H N N 56  
GLU HG3  H N N 57  
GLU HE2  H N N 58  
GLU HXT  H N N 59  
GLY N    N N N 60  
GLY CA   C N N 61  
GLY C    C N N 62  
GLY O    O N N 63  
GLY OXT  O N N 64  
GLY H    H N N 65  
GLY H2   H N N 66  
GLY HA2  H N N 67  
GLY HA3  H N N 68  
GLY HXT  H N N 69  
HOH O    O N N 70  
HOH H1   H N N 71  
HOH H2   H N N 72  
LEU N    N N N 73  
LEU CA   C N S 74  
LEU C    C N N 75  
LEU O    O N N 76  
LEU CB   C N N 77  
LEU CG   C N N 78  
LEU CD1  C N N 79  
LEU CD2  C N N 80  
LEU OXT  O N N 81  
LEU H    H N N 82  
LEU H2   H N N 83  
LEU HA   H N N 84  
LEU HB2  H N N 85  
LEU HB3  H N N 86  
LEU HG   H N N 87  
LEU HD11 H N N 88  
LEU HD12 H N N 89  
LEU HD13 H N N 90  
LEU HD21 H N N 91  
LEU HD22 H N N 92  
LEU HD23 H N N 93  
LEU HXT  H N N 94  
LYS N    N N N 95  
LYS CA   C N S 96  
LYS C    C N N 97  
LYS O    O N N 98  
LYS CB   C N N 99  
LYS CG   C N N 100 
LYS CD   C N N 101 
LYS CE   C N N 102 
LYS NZ   N N N 103 
LYS OXT  O N N 104 
LYS H    H N N 105 
LYS H2   H N N 106 
LYS HA   H N N 107 
LYS HB2  H N N 108 
LYS HB3  H N N 109 
LYS HG2  H N N 110 
LYS HG3  H N N 111 
LYS HD2  H N N 112 
LYS HD3  H N N 113 
LYS HE2  H N N 114 
LYS HE3  H N N 115 
LYS HZ1  H N N 116 
LYS HZ2  H N N 117 
LYS HZ3  H N N 118 
LYS HXT  H N N 119 
NH2 N    N N N 120 
NH2 HN1  H N N 121 
NH2 HN2  H N N 122 
TRP N    N N N 123 
TRP CA   C N S 124 
TRP C    C N N 125 
TRP O    O N N 126 
TRP CB   C N N 127 
TRP CG   C Y N 128 
TRP CD1  C Y N 129 
TRP CD2  C Y N 130 
TRP NE1  N Y N 131 
TRP CE2  C Y N 132 
TRP CE3  C Y N 133 
TRP CZ2  C Y N 134 
TRP CZ3  C Y N 135 
TRP CH2  C Y N 136 
TRP OXT  O N N 137 
TRP H    H N N 138 
TRP H2   H N N 139 
TRP HA   H N N 140 
TRP HB2  H N N 141 
TRP HB3  H N N 142 
TRP HD1  H N N 143 
TRP HE1  H N N 144 
TRP HE3  H N N 145 
TRP HZ2  H N N 146 
TRP HZ3  H N N 147 
TRP HH2  H N N 148 
TRP HXT  H N N 149 
# 
loop_
_chem_comp_bond.comp_id 
_chem_comp_bond.atom_id_1 
_chem_comp_bond.atom_id_2 
_chem_comp_bond.value_order 
_chem_comp_bond.pdbx_aromatic_flag 
_chem_comp_bond.pdbx_stereo_config 
_chem_comp_bond.pdbx_ordinal 
ACE C   O    doub N N 1   
ACE C   CH3  sing N N 2   
ACE C   H    sing N N 3   
ACE CH3 H1   sing N N 4   
ACE CH3 H2   sing N N 5   
ACE CH3 H3   sing N N 6   
ALA N   CA   sing N N 7   
ALA N   H    sing N N 8   
ALA N   H2   sing N N 9   
ALA CA  C    sing N N 10  
ALA CA  CB   sing N N 11  
ALA CA  HA   sing N N 12  
ALA C   O    doub N N 13  
ALA C   OXT  sing N N 14  
ALA CB  HB1  sing N N 15  
ALA CB  HB2  sing N N 16  
ALA CB  HB3  sing N N 17  
ALA OXT HXT  sing N N 18  
GLN N   CA   sing N N 19  
GLN N   H    sing N N 20  
GLN N   H2   sing N N 21  
GLN CA  C    sing N N 22  
GLN CA  CB   sing N N 23  
GLN CA  HA   sing N N 24  
GLN C   O    doub N N 25  
GLN C   OXT  sing N N 26  
GLN CB  CG   sing N N 27  
GLN CB  HB2  sing N N 28  
GLN CB  HB3  sing N N 29  
GLN CG  CD   sing N N 30  
GLN CG  HG2  sing N N 31  
GLN CG  HG3  sing N N 32  
GLN CD  OE1  doub N N 33  
GLN CD  NE2  sing N N 34  
GLN NE2 HE21 sing N N 35  
GLN NE2 HE22 sing N N 36  
GLN OXT HXT  sing N N 37  
GLU N   CA   sing N N 38  
GLU N   H    sing N N 39  
GLU N   H2   sing N N 40  
GLU CA  C    sing N N 41  
GLU CA  CB   sing N N 42  
GLU CA  HA   sing N N 43  
GLU C   O    doub N N 44  
GLU C   OXT  sing N N 45  
GLU CB  CG   sing N N 46  
GLU CB  HB2  sing N N 47  
GLU CB  HB3  sing N N 48  
GLU CG  CD   sing N N 49  
GLU CG  HG2  sing N N 50  
GLU CG  HG3  sing N N 51  
GLU CD  OE1  doub N N 52  
GLU CD  OE2  sing N N 53  
GLU OE2 HE2  sing N N 54  
GLU OXT HXT  sing N N 55  
GLY N   CA   sing N N 56  
GLY N   H    sing N N 57  
GLY N   H2   sing N N 58  
GLY CA  C    sing N N 59  
GLY CA  HA2  sing N N 60  
GLY CA  HA3  sing N N 61  
GLY C   O    doub N N 62  
GLY C   OXT  sing N N 63  
GLY OXT HXT  sing N N 64  
HOH O   H1   sing N N 65  
HOH O   H2   sing N N 66  
LEU N   CA   sing N N 67  
LEU N   H    sing N N 68  
LEU N   H2   sing N N 69  
LEU CA  C    sing N N 70  
LEU CA  CB   sing N N 71  
LEU CA  HA   sing N N 72  
LEU C   O    doub N N 73  
LEU C   OXT  sing N N 74  
LEU CB  CG   sing N N 75  
LEU CB  HB2  sing N N 76  
LEU CB  HB3  sing N N 77  
LEU CG  CD1  sing N N 78  
LEU CG  CD2  sing N N 79  
LEU CG  HG   sing N N 80  
LEU CD1 HD11 sing N N 81  
LEU CD1 HD12 sing N N 82  
LEU CD1 HD13 sing N N 83  
LEU CD2 HD21 sing N N 84  
LEU CD2 HD22 sing N N 85  
LEU CD2 HD23 sing N N 86  
LEU OXT HXT  sing N N 87  
LYS N   CA   sing N N 88  
LYS N   H    sing N N 89  
LYS N   H2   sing N N 90  
LYS CA  C    sing N N 91  
LYS CA  CB   sing N N 92  
LYS CA  HA   sing N N 93  
LYS C   O    doub N N 94  
LYS C   OXT  sing N N 95  
LYS CB  CG   sing N N 96  
LYS CB  HB2  sing N N 97  
LYS CB  HB3  sing N N 98  
LYS CG  CD   sing N N 99  
LYS CG  HG2  sing N N 100 
LYS CG  HG3  sing N N 101 
LYS CD  CE   sing N N 102 
LYS CD  HD2  sing N N 103 
LYS CD  HD3  sing N N 104 
LYS CE  NZ   sing N N 105 
LYS CE  HE2  sing N N 106 
LYS CE  HE3  sing N N 107 
LYS NZ  HZ1  sing N N 108 
LYS NZ  HZ2  sing N N 109 
LYS NZ  HZ3  sing N N 110 
LYS OXT HXT  sing N N 111 
NH2 N   HN1  sing N N 112 
NH2 N   HN2  sing N N 113 
TRP N   CA   sing N N 114 
TRP N   H    sing N N 115 
TRP N   H2   sing N N 116 
TRP CA  C    sing N N 117 
TRP CA  CB   sing N N 118 
TRP CA  HA   sing N N 119 
TRP C   O    doub N N 120 
TRP C   OXT  sing N N 121 
TRP CB  CG   sing N N 122 
TRP CB  HB2  sing N N 123 
TRP CB  HB3  sing N N 124 
TRP CG  CD1  doub Y N 125 
TRP CG  CD2  sing Y N 126 
TRP CD1 NE1  sing Y N 127 
TRP CD1 HD1  sing N N 128 
TRP CD2 CE2  doub Y N 129 
TRP CD2 CE3  sing Y N 130 
TRP NE1 CE2  sing Y N 131 
TRP NE1 HE1  sing N N 132 
TRP CE2 CZ2  sing Y N 133 
TRP CE3 CZ3  doub Y N 134 
TRP CE3 HE3  sing N N 135 
TRP CZ2 CH2  doub Y N 136 
TRP CZ2 HZ2  sing N N 137 
TRP CZ3 CH2  sing Y N 138 
TRP CZ3 HZ3  sing N N 139 
TRP CH2 HH2  sing N N 140 
TRP OXT HXT  sing N N 141 
# 
loop_
_pdbx_audit_support.funding_organization 
_pdbx_audit_support.country 
_pdbx_audit_support.grant_number 
_pdbx_audit_support.ordinal 
'Biotechnology and Biological Sciences Research Council' 'United Kingdom' BB/J014400/1 1 
'Engineering and Physical Sciences Research Council'     'United Kingdom' EP/G036764/1 2 
'European Research Council'                              Belgium          340764       3 
'Biotechnology and Biological Sciences Research Council' 'United Kingdom' BB/R00661X/1 4 
'Engineering and Physical Sciences Research Council'     'United Kingdom' EP/K03927X/1 5 
# 
_atom_sites.entry_id                    6Q5O 
_atom_sites.fract_transf_matrix[1][1]   0.01680287 
_atom_sites.fract_transf_matrix[1][2]   -0.03025736 
_atom_sites.fract_transf_matrix[1][3]   -0.00144400 
_atom_sites.fract_transf_matrix[2][1]   0.01024048 
_atom_sites.fract_transf_matrix[2][2]   0.00415036 
_atom_sites.fract_transf_matrix[2][3]   0.03219566 
_atom_sites.fract_transf_matrix[3][1]   -0.01489714 
_atom_sites.fract_transf_matrix[3][2]   -0.00855159 
_atom_sites.fract_transf_matrix[3][3]   0.00584073 
_atom_sites.fract_transf_vector[1]      0.183211 
_atom_sites.fract_transf_vector[2]      0.127955 
_atom_sites.fract_transf_vector[3]      0.028313 
# 
loop_
_atom_type.symbol 
C 
N 
O 
# 
loop_
_atom_site.group_PDB 
_atom_site.id 
_atom_site.type_symbol 
_atom_site.label_atom_id 
_atom_site.label_alt_id 
_atom_site.label_comp_id 
_atom_site.label_asym_id 
_atom_site.label_entity_id 
_atom_site.label_seq_id 
_atom_site.pdbx_PDB_ins_code 
_atom_site.Cartn_x 
_atom_site.Cartn_y 
_atom_site.Cartn_z 
_atom_site.occupancy 
_atom_site.B_iso_or_equiv 
_atom_site.pdbx_formal_charge 
_atom_site.auth_seq_id 
_atom_site.auth_comp_id 
_atom_site.auth_asym_id 
_atom_site.auth_atom_id 
_atom_site.pdbx_PDB_model_num 
ATOM   1   N N   . GLY A 1 2  ? 20.365  14.141  -3.771 1.00 42.86 ? 1   GLY A N   1 
ATOM   2   C CA  . GLY A 1 2  ? 18.992  14.104  -4.392 1.00 31.59 ? 1   GLY A CA  1 
ATOM   3   C C   . GLY A 1 2  ? 17.989  13.311  -3.554 1.00 23.15 ? 1   GLY A C   1 
ATOM   4   O O   . GLY A 1 2  ? 18.264  12.157  -3.222 1.00 25.07 ? 1   GLY A O   1 
ATOM   5   N N   A GLU A 1 3  ? 16.842  13.918  -3.324 0.50 17.64 ? 2   GLU A N   1 
ATOM   6   N N   B GLU A 1 3  ? 16.797  13.872  -3.232 0.50 21.42 ? 2   GLU A N   1 
ATOM   7   C CA  A GLU A 1 3  ? 15.788  13.325  -2.499 0.50 16.31 ? 2   GLU A CA  1 
ATOM   8   C CA  B GLU A 1 3  ? 15.758  13.262  -2.330 0.50 23.88 ? 2   GLU A CA  1 
ATOM   9   C C   A GLU A 1 3  ? 14.863  12.429  -3.316 0.50 14.97 ? 2   GLU A C   1 
ATOM   10  C C   B GLU A 1 3  ? 14.600  12.596  -3.089 0.50 20.29 ? 2   GLU A C   1 
ATOM   11  O O   A GLU A 1 3  ? 13.991  11.722  -2.721 0.50 13.38 ? 2   GLU A O   1 
ATOM   12  O O   B GLU A 1 3  ? 13.542  12.188  -2.447 0.50 21.18 ? 2   GLU A O   1 
ATOM   13  C CB  A GLU A 1 3  ? 14.925  14.405  -1.910 0.50 16.28 ? 2   GLU A CB  1 
ATOM   14  C CB  B GLU A 1 3  ? 15.007  14.271  -1.480 0.50 24.32 ? 2   GLU A CB  1 
ATOM   15  C CG  A GLU A 1 3  ? 14.384  14.023  -0.560 0.50 15.23 ? 2   GLU A CG  1 
ATOM   16  C CG  B GLU A 1 3  ? 15.882  15.092  -0.583 0.50 25.24 ? 2   GLU A CG  1 
ATOM   17  C CD  A GLU A 1 3  ? 13.472  15.070  0.001  0.50 18.35 ? 2   GLU A CD  1 
ATOM   18  C CD  B GLU A 1 3  ? 15.194  16.371  -0.169 0.50 27.08 ? 2   GLU A CD  1 
ATOM   19  O OE1 A GLU A 1 3  ? 13.542  16.189  -0.505 0.50 21.84 ? 2   GLU A OE1 1 
ATOM   20  O OE1 B GLU A 1 3  ? 13.980  16.301  -0.008 0.50 24.21 ? 2   GLU A OE1 1 
ATOM   21  O OE2 A GLU A 1 3  ? 12.735  14.760  0.977  0.50 23.26 ? 2   GLU A OE2 1 
ATOM   22  O OE2 B GLU A 1 3  ? 15.874  17.422  -0.045 0.50 31.31 ? 2   GLU A OE2 1 
ATOM   23  N N   A LEU A 1 4  ? 15.004  12.417  -4.631 0.50 17.33 ? 3   LEU A N   1 
ATOM   24  N N   B LEU A 1 4  ? 14.766  12.459  -4.394 0.50 19.37 ? 3   LEU A N   1 
ATOM   25  C CA  A LEU A 1 4  ? 14.041  11.638  -5.440 0.50 17.99 ? 3   LEU A CA  1 
ATOM   26  C CA  B LEU A 1 4  ? 13.854  11.667  -5.256 0.50 17.85 ? 3   LEU A CA  1 
ATOM   27  C C   A LEU A 1 4  ? 13.906  10.235  -4.839 0.50 17.66 ? 3   LEU A C   1 
ATOM   28  C C   B LEU A 1 4  ? 13.887  10.163  -4.910 0.50 16.50 ? 3   LEU A C   1 
ATOM   29  O O   A LEU A 1 4  ? 12.769  9.757   -4.650 0.50 14.27 ? 3   LEU A O   1 
ATOM   30  O O   B LEU A 1 4  ? 12.846  9.481   -5.043 0.50 14.71 ? 3   LEU A O   1 
ATOM   31  C CB  A LEU A 1 4  ? 14.470  11.569  -6.904 0.50 20.02 ? 3   LEU A CB  1 
ATOM   32  C CB  B LEU A 1 4  ? 14.247  11.883  -6.717 0.50 15.88 ? 3   LEU A CB  1 
ATOM   33  C CG  A LEU A 1 4  ? 14.252  12.862  -7.671 0.50 21.67 ? 3   LEU A CG  1 
ATOM   34  C CG  B LEU A 1 4  ? 13.348  11.187  -7.725 0.50 16.36 ? 3   LEU A CG  1 
ATOM   35  C CD1 A LEU A 1 4  ? 15.081  14.001  -7.074 0.50 28.32 ? 3   LEU A CD1 1 
ATOM   36  C CD1 B LEU A 1 4  ? 11.913  11.569  -7.450 0.50 14.94 ? 3   LEU A CD1 1 
ATOM   37  C CD2 A LEU A 1 4  ? 14.611  12.673  -9.133 0.50 23.01 ? 3   LEU A CD2 1 
ATOM   38  C CD2 B LEU A 1 4  ? 13.732  11.539  -9.153 0.50 18.47 ? 3   LEU A CD2 1 
ATOM   39  N N   . LYS A 1 5  ? 15.024  9.596   -4.527 1.00 17.21 ? 4   LYS A N   1 
ATOM   40  C CA  . LYS A 1 5  ? 15.009  8.175   -4.110 1.00 16.27 ? 4   LYS A CA  1 
ATOM   41  C C   . LYS A 1 5  ? 14.187  8.013   -2.815 1.00 14.22 ? 4   LYS A C   1 
ATOM   42  O O   . LYS A 1 5  ? 13.459  7.040   -2.642 1.00 14.86 ? 4   LYS A O   1 
ATOM   43  C CB  . LYS A 1 5  ? 16.414  7.631   -3.958 1.00 19.50 ? 4   LYS A CB  1 
ATOM   44  C CG  . LYS A 1 5  ? 17.137  7.440   -5.277 1.00 25.18 ? 4   LYS A CG  1 
ATOM   45  C CD  . LYS A 1 5  ? 18.556  7.003   -5.036 1.00 29.90 ? 4   LYS A CD  1 
ATOM   46  C CE  . LYS A 1 5  ? 19.224  6.312   -6.196 1.00 34.09 ? 4   LYS A CE  1 
ATOM   47  N NZ  . LYS A 1 5  ? 20.427  5.636   -5.656 1.00 39.10 ? 4   LYS A NZ  1 
ATOM   48  N N   . ALA A 1 6  ? 14.340  8.934   -1.897 1.00 15.62 ? 5   ALA A N   1 
ATOM   49  C CA  . ALA A 1 6  ? 13.550  8.915   -0.656 1.00 15.10 ? 5   ALA A CA  1 
ATOM   50  C C   . ALA A 1 6  ? 12.056  9.050   -0.984 1.00 14.26 ? 5   ALA A C   1 
ATOM   51  O O   . ALA A 1 6  ? 11.231  8.338   -0.394 1.00 14.68 ? 5   ALA A O   1 
ATOM   52  C CB  . ALA A 1 6  ? 14.049  9.992   0.263  1.00 16.21 ? 5   ALA A CB  1 
ATOM   53  N N   . LEU A 1 7  ? 11.691  9.973   -1.854 1.00 14.24 ? 6   LEU A N   1 
ATOM   54  C CA  . LEU A 1 7  ? 10.266  10.166  -2.215 1.00 14.20 ? 6   LEU A CA  1 
ATOM   55  C C   . LEU A 1 7  ? 9.753   8.879   -2.875 1.00 13.49 ? 6   LEU A C   1 
ATOM   56  O O   . LEU A 1 7  ? 8.607   8.463   -2.618 1.00 14.18 ? 6   LEU A O   1 
ATOM   57  C CB  . LEU A 1 7  ? 10.140  11.381  -3.127 1.00 15.09 ? 6   LEU A CB  1 
ATOM   58  C CG  . LEU A 1 7  ? 10.386  12.733  -2.474 1.00 21.05 ? 6   LEU A CG  1 
ATOM   59  C CD1 . LEU A 1 7  ? 9.947   13.854  -3.412 1.00 24.94 ? 6   LEU A CD1 1 
ATOM   60  C CD2 . LEU A 1 7  ? 9.688   12.887  -1.126 1.00 25.92 ? 6   LEU A CD2 1 
ATOM   61  N N   . ALA A 1 8  ? 10.561  8.211   -3.679 1.00 13.33 ? 7   ALA A N   1 
ATOM   62  C CA  . ALA A 1 8  ? 10.152  6.945   -4.284 1.00 13.34 ? 7   ALA A CA  1 
ATOM   63  C C   . ALA A 1 8  ? 9.936   5.872   -3.207 1.00 12.94 ? 7   ALA A C   1 
ATOM   64  O O   . ALA A 1 8  ? 8.998   5.066   -3.319 1.00 13.09 ? 7   ALA A O   1 
ATOM   65  C CB  . ALA A 1 8  ? 11.165  6.506   -5.304 1.00 14.49 ? 7   ALA A CB  1 
ATOM   66  N N   . GLN A 1 9  ? 10.752  5.839   -2.163 1.00 13.46 ? 8   GLN A N   1 
ATOM   67  C CA  . GLN A 1 9  ? 10.470  4.936   -1.013 1.00 14.95 ? 8   GLN A CA  1 
ATOM   68  C C   . GLN A 1 9  ? 9.158   5.298   -0.293 1.00 14.29 ? 8   GLN A C   1 
ATOM   69  O O   . GLN A 1 9  ? 8.431   4.371   0.125  1.00 16.43 ? 8   GLN A O   1 
ATOM   70  C CB  . GLN A 1 9  ? 11.581  5.002   0.014  1.00 15.86 ? 8   GLN A CB  1 
ATOM   71  C CG  . GLN A 1 9  ? 12.832  4.251   -0.403 1.00 17.54 ? 8   GLN A CG  1 
ATOM   72  C CD  . GLN A 1 9  ? 12.677  2.772   -0.624 1.00 18.54 ? 8   GLN A CD  1 
ATOM   73  O OE1 . GLN A 1 9  ? 11.749  2.151   -0.110 1.00 19.88 ? 8   GLN A OE1 1 
ATOM   74  N NE2 . GLN A 1 9  ? 13.591  2.203   -1.388 1.00 21.26 ? 8   GLN A NE2 1 
ATOM   75  N N   . GLU A 1 10 ? 8.859   6.576   -0.151 1.00 14.50 ? 9   GLU A N   1 
ATOM   76  C CA  . GLU A 1 10 ? 7.586   6.965   0.473  1.00 16.19 ? 9   GLU A CA  1 
ATOM   77  C C   . GLU A 1 10 ? 6.430   6.427   -0.399 1.00 14.99 ? 9   GLU A C   1 
ATOM   78  O O   . GLU A 1 10 ? 5.421   5.915   0.139  1.00 16.05 ? 9   GLU A O   1 
ATOM   79  C CB  . GLU A 1 10 ? 7.498   8.478   0.625  1.00 17.26 ? 9   GLU A CB  1 
ATOM   80  C CG  . GLU A 1 10 ? 8.413   9.024   1.675  1.00 20.25 ? 9   GLU A CG  1 
ATOM   81  C CD  . GLU A 1 10 ? 8.177   10.509  1.710  1.00 27.83 ? 9   GLU A CD  1 
ATOM   82  O OE1 . GLU A 1 10 ? 7.008   10.901  1.777  1.00 37.64 ? 9   GLU A OE1 1 
ATOM   83  O OE2 . GLU A 1 10 ? 9.112   11.214  1.500  1.00 35.67 ? 9   GLU A OE2 1 
ATOM   84  N N   A LEU A 1 11 ? 6.563   6.431   -1.712 0.43 12.99 ? 10  LEU A N   1 
ATOM   85  N N   B LEU A 1 11 ? 6.549   6.542   -1.718 0.57 13.82 ? 10  LEU A N   1 
ATOM   86  C CA  A LEU A 1 11 ? 5.484   5.931   -2.595 0.43 12.10 ? 10  LEU A CA  1 
ATOM   87  C CA  B LEU A 1 11 ? 5.536   5.969   -2.636 0.57 14.30 ? 10  LEU A CA  1 
ATOM   88  C C   A LEU A 1 11 ? 5.411   4.399   -2.585 0.43 12.44 ? 10  LEU A C   1 
ATOM   89  C C   B LEU A 1 11 ? 5.429   4.468   -2.403 0.57 13.35 ? 10  LEU A C   1 
ATOM   90  O O   A LEU A 1 11 ? 4.302   3.793   -2.760 0.43 12.27 ? 10  LEU A O   1 
ATOM   91  O O   B LEU A 1 11 ? 4.297   3.990   -2.239 0.57 13.67 ? 10  LEU A O   1 
ATOM   92  C CB  A LEU A 1 11 ? 5.777   6.469   -3.986 0.43 10.18 ? 10  LEU A CB  1 
ATOM   93  C CB  B LEU A 1 11 ? 5.880   6.264   -4.094 0.57 14.02 ? 10  LEU A CB  1 
ATOM   94  C CG  A LEU A 1 11 ? 4.749   6.048   -5.013 0.43 10.50 ? 10  LEU A CG  1 
ATOM   95  C CG  B LEU A 1 11 ? 5.822   7.731   -4.464 0.57 14.98 ? 10  LEU A CG  1 
ATOM   96  C CD1 A LEU A 1 11 ? 3.358   6.479   -4.605 0.43 10.61 ? 10  LEU A CD1 1 
ATOM   97  C CD1 B LEU A 1 11 ? 6.304   7.963   -5.883 0.57 16.35 ? 10  LEU A CD1 1 
ATOM   98  C CD2 A LEU A 1 11 ? 5.112   6.539   -6.389 0.43 11.02 ? 10  LEU A CD2 1 
ATOM   99  C CD2 B LEU A 1 11 ? 4.411   8.282   -4.254 0.57 15.29 ? 10  LEU A CD2 1 
ATOM   100 N N   . LYS A 1 12 ? 6.553   3.742   -2.426 1.00 13.05 ? 11  LYS A N   1 
ATOM   101 C CA  . LYS A 1 12 ? 6.533   2.279   -2.259 1.00 14.69 ? 11  LYS A CA  1 
ATOM   102 C C   . LYS A 1 12 ? 5.814   1.897   -0.977 1.00 15.31 ? 11  LYS A C   1 
ATOM   103 O O   . LYS A 1 12 ? 5.034   0.915   -0.981 1.00 16.30 ? 11  LYS A O   1 
ATOM   104 C CB  . LYS A 1 12 ? 7.959   1.757   -2.190 1.00 17.05 ? 11  LYS A CB  1 
ATOM   105 C CG  . LYS A 1 12 ? 8.645   1.629   -3.533 1.00 23.67 ? 11  LYS A CG  1 
ATOM   106 C CD  . LYS A 1 12 ? 10.114  1.275   -3.455 1.00 29.36 ? 11  LYS A CD  1 
ATOM   107 C CE  . LYS A 1 12 ? 10.777  1.126   -4.808 1.00 34.99 ? 11  LYS A CE  1 
ATOM   108 N NZ  . LYS A 1 12 ? 12.255  1.168   -4.695 1.00 40.12 ? 11  LYS A NZ  1 
ATOM   109 N N   . ALA A 1 13 ? 6.041   2.601   0.104  1.00 16.00 ? 12  ALA A N   1 
ATOM   110 C CA  . ALA A 1 13 ? 5.378   2.319   1.394  1.00 17.83 ? 12  ALA A CA  1 
ATOM   111 C C   . ALA A 1 13 ? 3.874   2.519   1.272  1.00 16.51 ? 12  ALA A C   1 
ATOM   112 O O   . ALA A 1 13 ? 3.095   1.699   1.765  1.00 17.75 ? 12  ALA A O   1 
ATOM   113 C CB  . ALA A 1 13 ? 5.976   3.157   2.486  1.00 19.48 ? 12  ALA A CB  1 
ATOM   114 N N   A LEU A 1 14 ? 3.428   3.595   0.621  0.50 15.73 ? 13  LEU A N   1 
ATOM   115 N N   B LEU A 1 14 ? 3.467   3.569   0.577  0.50 16.72 ? 13  LEU A N   1 
ATOM   116 C CA  A LEU A 1 14 ? 1.975   3.833   0.419  0.50 14.81 ? 13  LEU A CA  1 
ATOM   117 C CA  B LEU A 1 14 ? 2.039   3.854   0.353  0.50 16.57 ? 13  LEU A CA  1 
ATOM   118 C C   A LEU A 1 14 ? 1.403   2.712   -0.468 0.50 14.04 ? 13  LEU A C   1 
ATOM   119 C C   B LEU A 1 14 ? 1.422   2.719   -0.461 0.50 14.79 ? 13  LEU A C   1 
ATOM   120 O O   A LEU A 1 14 ? 0.307   2.193   -0.188 0.50 14.20 ? 13  LEU A O   1 
ATOM   121 O O   B LEU A 1 14 ? 0.317   2.243   -0.128 0.50 15.70 ? 13  LEU A O   1 
ATOM   122 C CB  A LEU A 1 14 ? 1.740   5.242   -0.153 0.50 14.37 ? 13  LEU A CB  1 
ATOM   123 C CB  B LEU A 1 14 ? 1.955   5.197   -0.365 0.50 17.71 ? 13  LEU A CB  1 
ATOM   124 C CG  A LEU A 1 14 ? 2.071   6.453   0.738  0.50 15.67 ? 13  LEU A CG  1 
ATOM   125 C CG  B LEU A 1 14 ? 0.655   5.948   -0.150 0.50 21.02 ? 13  LEU A CG  1 
ATOM   126 C CD1 A LEU A 1 14 ? 2.045   7.771   -0.029 0.50 16.53 ? 13  LEU A CD1 1 
ATOM   127 C CD1 B LEU A 1 14 ? -0.442  5.373   -1.030 0.50 21.08 ? 13  LEU A CD1 1 
ATOM   128 C CD2 A LEU A 1 14 ? 1.106   6.572   1.900  0.50 18.12 ? 13  LEU A CD2 1 
ATOM   129 C CD2 B LEU A 1 14 ? 0.288   5.920   1.315  0.50 24.56 ? 13  LEU A CD2 1 
ATOM   130 N N   . ALA A 1 15 ? 2.106   2.269   -1.509 1.00 14.16 ? 14  ALA A N   1 
ATOM   131 C CA  . ALA A 1 15 ? 1.613   1.170   -2.375 1.00 14.10 ? 14  ALA A CA  1 
ATOM   132 C C   . ALA A 1 15 ? 1.432   -0.106  -1.543 1.00 14.63 ? 14  ALA A C   1 
ATOM   133 O O   . ALA A 1 15 ? 0.450   -0.836  -1.706 1.00 14.79 ? 14  ALA A O   1 
ATOM   134 C CB  . ALA A 1 15 ? 2.532   0.924   -3.539 1.00 15.67 ? 14  ALA A CB  1 
ATOM   135 N N   . LYS A 1 16 ? 2.386   -0.385  -0.678 1.00 15.62 ? 15  LYS A N   1 
ATOM   136 C CA  . LYS A 1 16 ? 2.292   -1.563  0.202  1.00 16.56 ? 15  LYS A CA  1 
ATOM   137 C C   . LYS A 1 16 ? 1.088   -1.478  1.126  1.00 15.81 ? 15  LYS A C   1 
ATOM   138 O O   . LYS A 1 16 ? 0.370   -2.465  1.329  1.00 16.58 ? 15  LYS A O   1 
ATOM   139 C CB  . LYS A 1 16 ? 3.565   -1.681  1.035  1.00 20.04 ? 15  LYS A CB  1 
ATOM   140 C CG  . LYS A 1 16 ? 3.670   -2.889  1.920  1.00 27.02 ? 15  LYS A CG  1 
ATOM   141 C CD  . LYS A 1 16 ? 5.056   -2.999  2.567  1.00 32.21 ? 15  LYS A CD  1 
ATOM   142 C CE  . LYS A 1 16 ? 5.165   -2.259  3.884  1.00 41.05 ? 15  LYS A CE  1 
ATOM   143 N NZ  . LYS A 1 16 ? 3.958   -2.412  4.752  1.00 48.53 ? 15  LYS A NZ  1 
ATOM   144 N N   . GLU A 1 17 ? 0.837   -0.296  1.675  1.00 15.30 ? 16  GLU A N   1 
ATOM   145 C CA  A GLU A 1 17 ? -0.320  -0.069  2.566  0.50 16.17 ? 16  GLU A CA  1 
ATOM   146 C CA  B GLU A 1 17 ? -0.320  -0.104  2.581  0.50 16.06 ? 16  GLU A CA  1 
ATOM   147 C C   . GLU A 1 17 ? -1.601  -0.275  1.766  1.00 14.38 ? 16  GLU A C   1 
ATOM   148 O O   . GLU A 1 17 ? -2.559  -0.850  2.295  1.00 15.25 ? 16  GLU A O   1 
ATOM   149 C CB  A GLU A 1 17 ? -0.273  1.337   3.159  0.50 17.58 ? 16  GLU A CB  1 
ATOM   150 C CB  B GLU A 1 17 ? -0.280  1.259   3.280  0.50 16.81 ? 16  GLU A CB  1 
ATOM   151 C CG  A GLU A 1 17 ? 0.605   1.483   4.386  0.50 22.06 ? 16  GLU A CG  1 
ATOM   152 C CG  B GLU A 1 17 ? 0.955   1.527   4.132  0.50 21.48 ? 16  GLU A CG  1 
ATOM   153 C CD  A GLU A 1 17 ? 0.021   0.823   5.626  0.50 26.81 ? 16  GLU A CD  1 
ATOM   154 C CD  B GLU A 1 17 ? 0.935   2.769   5.034  0.50 27.39 ? 16  GLU A CD  1 
ATOM   155 O OE1 A GLU A 1 17 ? -0.298  1.532   6.622  0.50 35.94 ? 16  GLU A OE1 1 
ATOM   156 O OE1 B GLU A 1 17 ? 0.138   3.694   4.785  0.50 32.64 ? 16  GLU A OE1 1 
ATOM   157 O OE2 A GLU A 1 17 ? -0.168  -0.388  5.571  0.50 26.62 ? 16  GLU A OE2 1 
ATOM   158 O OE2 B GLU A 1 17 ? 1.751   2.815   5.999  0.50 35.06 ? 16  GLU A OE2 1 
ATOM   159 N N   A LEU A 1 18 ? -1.668  0.200   0.512  0.50 13.68 ? 17  LEU A N   1 
ATOM   160 N N   B LEU A 1 18 ? -1.633  0.243   0.563  0.50 13.99 ? 17  LEU A N   1 
ATOM   161 C CA  A LEU A 1 18 ? -2.869  0.036   -0.362 0.50 12.79 ? 17  LEU A CA  1 
ATOM   162 C CA  B LEU A 1 18 ? -2.855  0.082   -0.223 0.50 13.34 ? 17  LEU A CA  1 
ATOM   163 C C   A LEU A 1 18 ? -3.126  -1.430  -0.639 0.50 12.88 ? 17  LEU A C   1 
ATOM   164 C C   B LEU A 1 18 ? -3.094  -1.398  -0.531 0.50 13.02 ? 17  LEU A C   1 
ATOM   165 O O   A LEU A 1 18 ? -4.300  -1.859  -0.679 0.50 12.69 ? 17  LEU A O   1 
ATOM   166 O O   B LEU A 1 18 ? -4.242  -1.831  -0.324 0.50 13.07 ? 17  LEU A O   1 
ATOM   167 C CB  A LEU A 1 18 ? -2.686  0.769   -1.692 0.50 13.08 ? 17  LEU A CB  1 
ATOM   168 C CB  B LEU A 1 18 ? -2.734  0.968   -1.451 0.50 12.57 ? 17  LEU A CB  1 
ATOM   169 C CG  A LEU A 1 18 ? -2.678  2.283   -1.592 0.50 13.64 ? 17  LEU A CG  1 
ATOM   170 C CG  B LEU A 1 18 ? -3.950  0.878   -2.348 0.50 12.42 ? 17  LEU A CG  1 
ATOM   171 C CD1 A LEU A 1 18 ? -2.293  2.922   -2.929 0.50 15.39 ? 17  LEU A CD1 1 
ATOM   172 C CD1 B LEU A 1 18 ? -5.234  1.283   -1.654 0.50 12.40 ? 17  LEU A CD1 1 
ATOM   173 C CD2 A LEU A 1 18 ? -4.017  2.823   -1.114 0.50 13.99 ? 17  LEU A CD2 1 
ATOM   174 C CD2 B LEU A 1 18 ? -3.726  1.718   -3.574 0.50 12.96 ? 17  LEU A CD2 1 
ATOM   175 N N   . LYS A 1 19 ? -2.074  -2.155  -0.939 1.00 13.78 ? 18  LYS A N   1 
ATOM   176 C CA  A LYS A 1 19 ? -2.270  -3.584  -1.236 0.57 14.74 ? 18  LYS A CA  1 
ATOM   177 C CA  B LYS A 1 19 ? -2.209  -3.598  -1.213 0.43 15.33 ? 18  LYS A CA  1 
ATOM   178 C C   . LYS A 1 19 ? -2.756  -4.308  0.036  1.00 14.71 ? 18  LYS A C   1 
ATOM   179 O O   . LYS A 1 19 ? -3.662  -5.169  -0.074 1.00 14.75 ? 18  LYS A O   1 
ATOM   180 C CB  A LYS A 1 19 ? -0.993  -4.200  -1.809 0.57 17.22 ? 18  LYS A CB  1 
ATOM   181 C CB  B LYS A 1 19 ? -0.839  -4.163  -1.596 0.43 17.81 ? 18  LYS A CB  1 
ATOM   182 C CG  A LYS A 1 19 ? -1.236  -5.520  -2.523 0.57 19.62 ? 18  LYS A CG  1 
ATOM   183 C CG  B LYS A 1 19 ? -0.800  -5.672  -1.760 0.43 20.35 ? 18  LYS A CG  1 
ATOM   184 C CD  A LYS A 1 19 ? -0.100  -6.002  -3.403 0.57 24.37 ? 18  LYS A CD  1 
ATOM   185 C CD  B LYS A 1 19 ? 0.047   -6.139  -2.915 0.43 24.83 ? 18  LYS A CD  1 
ATOM   186 C CE  A LYS A 1 19 ? -0.415  -7.224  -4.258 0.57 26.45 ? 18  LYS A CE  1 
ATOM   187 C CE  B LYS A 1 19 ? 1.500   -5.764  -2.763 0.43 28.01 ? 18  LYS A CE  1 
ATOM   188 N NZ  A LYS A 1 19 ? -1.853  -7.411  -4.607 0.57 27.32 ? 18  LYS A NZ  1 
ATOM   189 N NZ  B LYS A 1 19 ? 1.934   -5.928  -1.363 0.43 31.99 ? 18  LYS A NZ  1 
ATOM   190 N N   . ALA A 1 20 ? -2.213  -3.978  1.211  1.00 14.06 ? 19  ALA A N   1 
ATOM   191 C CA  . ALA A 1 20 ? -2.665  -4.594  2.481  1.00 14.45 ? 19  ALA A CA  1 
ATOM   192 C C   . ALA A 1 20 ? -4.153  -4.308  2.686  1.00 13.88 ? 19  ALA A C   1 
ATOM   193 O O   . ALA A 1 20 ? -4.880  -5.205  3.120  1.00 14.53 ? 19  ALA A O   1 
ATOM   194 C CB  . ALA A 1 20 ? -1.851  -4.095  3.661  1.00 16.33 ? 19  ALA A CB  1 
ATOM   195 N N   A LEU A 1 21 ? -4.594  -3.060  2.489  0.50 13.44 ? 20  LEU A N   1 
ATOM   196 N N   B LEU A 1 21 ? -4.573  -3.101  2.373  0.50 13.17 ? 20  LEU A N   1 
ATOM   197 C CA  A LEU A 1 21 ? -6.030  -2.691  2.607  0.50 13.43 ? 20  LEU A CA  1 
ATOM   198 C CA  B LEU A 1 21 ? -5.973  -2.718  2.563  0.50 13.07 ? 20  LEU A CA  1 
ATOM   199 C C   A LEU A 1 21 ? -6.863  -3.467  1.567  0.50 12.92 ? 20  LEU A C   1 
ATOM   200 C C   B LEU A 1 21 ? -6.856  -3.466  1.567  0.50 13.04 ? 20  LEU A C   1 
ATOM   201 O O   A LEU A 1 21 ? -7.978  -3.915  1.883  0.50 13.01 ? 20  LEU A O   1 
ATOM   202 O O   B LEU A 1 21 ? -7.974  -3.857  1.923  0.50 14.41 ? 20  LEU A O   1 
ATOM   203 C CB  A LEU A 1 21 ? -6.224  -1.164  2.503  0.50 13.36 ? 20  LEU A CB  1 
ATOM   204 C CB  B LEU A 1 21 ? -6.033  -1.212  2.382  0.50 13.90 ? 20  LEU A CB  1 
ATOM   205 C CG  A LEU A 1 21 ? -5.767  -0.325  3.707  0.50 15.90 ? 20  LEU A CG  1 
ATOM   206 C CG  B LEU A 1 21 ? -7.382  -0.593  2.624  0.50 15.70 ? 20  LEU A CG  1 
ATOM   207 C CD1 A LEU A 1 21 ? -5.651  1.160   3.384  0.50 17.16 ? 20  LEU A CD1 1 
ATOM   208 C CD1 B LEU A 1 21 ? -8.070  -1.071  3.863  0.50 18.54 ? 20  LEU A CD1 1 
ATOM   209 C CD2 A LEU A 1 21 ? -6.687  -0.516  4.906  0.50 17.86 ? 20  LEU A CD2 1 
ATOM   210 C CD2 B LEU A 1 21 ? -7.190  0.901   2.732  0.50 18.81 ? 20  LEU A CD2 1 
ATOM   211 N N   . ALA A 1 22 ? -6.373  -3.677  0.342  1.00 13.08 ? 21  ALA A N   1 
ATOM   212 C CA  . ALA A 1 22 ? -7.123  -4.442  -0.654 1.00 13.44 ? 21  ALA A CA  1 
ATOM   213 C C   . ALA A 1 22 ? -7.314  -5.879  -0.196 1.00 13.14 ? 21  ALA A C   1 
ATOM   214 O O   . ALA A 1 22 ? -8.411  -6.446  -0.355 1.00 13.82 ? 21  ALA A O   1 
ATOM   215 C CB  . ALA A 1 22 ? -6.435  -4.384  -1.969 1.00 14.74 ? 21  ALA A CB  1 
ATOM   216 N N   . TRP A 1 23 ? -6.288  -6.494  0.342  1.00 12.93 ? 22  TRP A N   1 
ATOM   217 C CA  A TRP A 1 23 ? -6.461  -7.882  0.846  0.37 13.30 ? 22  TRP A CA  1 
ATOM   218 C CA  B TRP A 1 23 ? -6.403  -7.871  0.883  0.63 13.86 ? 22  TRP A CA  1 
ATOM   219 C C   . TRP A 1 23 ? -7.399  -7.869  2.048  1.00 13.33 ? 22  TRP A C   1 
ATOM   220 O O   . TRP A 1 23 ? -8.184  -8.815  2.187  1.00 13.87 ? 22  TRP A O   1 
ATOM   221 C CB  A TRP A 1 23 ? -5.148  -8.544  1.236  0.37 13.66 ? 22  TRP A CB  1 
ATOM   222 C CB  B TRP A 1 23 ? -5.030  -8.365  1.340  0.63 14.91 ? 22  TRP A CB  1 
ATOM   223 C CG  A TRP A 1 23 ? -4.331  -9.055  0.094  0.37 14.70 ? 22  TRP A CG  1 
ATOM   224 C CG  B TRP A 1 23 ? -4.027  -8.628  0.252  0.63 15.51 ? 22  TRP A CG  1 
ATOM   225 C CD1 A TRP A 1 23 ? -3.144  -8.535  -0.299 0.37 15.82 ? 22  TRP A CD1 1 
ATOM   226 C CD1 B TRP A 1 23 ? -4.281  -8.971  -1.038 0.63 19.27 ? 22  TRP A CD1 1 
ATOM   227 C CD2 A TRP A 1 23 ? -4.579  -10.192 -0.758 0.37 15.54 ? 22  TRP A CD2 1 
ATOM   228 C CD2 B TRP A 1 23 ? -2.605  -8.651  0.384  0.63 17.20 ? 22  TRP A CD2 1 
ATOM   229 N NE1 A TRP A 1 23 ? -2.657  -9.226  -1.370 0.37 17.16 ? 22  TRP A NE1 1 
ATOM   230 N NE1 B TRP A 1 23 ? -3.122  -9.133  -1.738 0.63 20.23 ? 22  TRP A NE1 1 
ATOM   231 C CE2 A TRP A 1 23 ? -3.508  -10.259 -1.668 0.37 16.62 ? 22  TRP A CE2 1 
ATOM   232 C CE2 B TRP A 1 23 ? -2.061  -8.927  -0.890 0.63 17.38 ? 22  TRP A CE2 1 
ATOM   233 C CE3 A TRP A 1 23 ? -5.586  -11.160 -0.843 0.37 15.45 ? 22  TRP A CE3 1 
ATOM   234 C CE3 B TRP A 1 23 ? -1.728  -8.403  1.444  0.63 20.01 ? 22  TRP A CE3 1 
ATOM   235 C CZ2 A TRP A 1 23 ? -3.412  -11.257 -2.640 0.37 16.46 ? 22  TRP A CZ2 1 
ATOM   236 C CZ2 B TRP A 1 23 ? -0.686  -9.067  -1.117 0.63 20.57 ? 22  TRP A CZ2 1 
ATOM   237 C CZ3 A TRP A 1 23 ? -5.504  -12.130 -1.815 0.37 16.64 ? 22  TRP A CZ3 1 
ATOM   238 C CZ3 B TRP A 1 23 ? -0.372  -8.463  1.203  0.63 23.14 ? 22  TRP A CZ3 1 
ATOM   239 C CH2 A TRP A 1 23 ? -4.437  -12.165 -2.720 0.37 16.26 ? 22  TRP A CH2 1 
ATOM   240 C CH2 B TRP A 1 23 ? 0.141   -8.816  -0.052 0.63 23.36 ? 22  TRP A CH2 1 
ATOM   241 N N   . GLU A 1 24 ? -7.336  -6.840  2.891  1.00 12.87 ? 23  GLU A N   1 
ATOM   242 C CA  . GLU A 1 24 ? -8.249  -6.714  4.039  1.00 13.51 ? 23  GLU A CA  1 
ATOM   243 C C   . GLU A 1 24 ? -9.693  -6.642  3.554  1.00 12.98 ? 23  GLU A C   1 
ATOM   244 O O   . GLU A 1 24 ? -10.585 -7.316  4.116  1.00 13.87 ? 23  GLU A O   1 
ATOM   245 C CB  . GLU A 1 24 ? -7.864  -5.521  4.912  1.00 13.75 ? 23  GLU A CB  1 
ATOM   246 C CG  . GLU A 1 24 ? -8.611  -5.477  6.230  1.00 14.58 ? 23  GLU A CG  1 
ATOM   247 C CD  . GLU A 1 24 ? -8.297  -4.314  7.149  1.00 16.94 ? 23  GLU A CD  1 
ATOM   248 O OE1 . GLU A 1 24 ? -7.564  -3.413  6.729  1.00 21.10 ? 23  GLU A OE1 1 
ATOM   249 O OE2 . GLU A 1 24 ? -8.866  -4.318  8.263  1.00 18.76 ? 23  GLU A OE2 1 
ATOM   250 N N   A LEU A 1 25 ? -9.971  -5.822  2.541  0.50 12.62 ? 24  LEU A N   1 
ATOM   251 N N   B LEU A 1 25 ? -9.938  -5.853  2.517  0.50 13.10 ? 24  LEU A N   1 
ATOM   252 C CA  A LEU A 1 25 ? -11.331 -5.709  1.977  0.50 12.87 ? 24  LEU A CA  1 
ATOM   253 C CA  B LEU A 1 25 ? -11.298 -5.688  1.987  0.50 13.59 ? 24  LEU A CA  1 
ATOM   254 C C   A LEU A 1 25 ? -11.803 -7.050  1.413  0.50 13.51 ? 24  LEU A C   1 
ATOM   255 C C   B LEU A 1 25 ? -11.801 -7.006  1.378  0.50 13.93 ? 24  LEU A C   1 
ATOM   256 O O   A LEU A 1 25 ? -12.967 -7.415  1.655  0.50 15.13 ? 24  LEU A O   1 
ATOM   257 O O   B LEU A 1 25 ? -12.979 -7.342  1.597  0.50 15.45 ? 24  LEU A O   1 
ATOM   258 C CB  A LEU A 1 25 ? -11.334 -4.635  0.885  0.50 13.02 ? 24  LEU A CB  1 
ATOM   259 C CB  B LEU A 1 25 ? -11.264 -4.534  0.983  0.50 14.17 ? 24  LEU A CB  1 
ATOM   260 C CG  A LEU A 1 25 ? -11.235 -3.203  1.384  0.50 14.17 ? 24  LEU A CG  1 
ATOM   261 C CG  B LEU A 1 25 ? -12.622 -4.197  0.380  0.50 15.82 ? 24  LEU A CG  1 
ATOM   262 C CD1 A LEU A 1 25 ? -10.993 -2.252  0.241  0.50 16.58 ? 24  LEU A CD1 1 
ATOM   263 C CD1 B LEU A 1 25 ? -13.632 -3.840  1.471  0.50 17.27 ? 24  LEU A CD1 1 
ATOM   264 C CD2 A LEU A 1 25 ? -12.460 -2.740  2.147  0.50 14.04 ? 24  LEU A CD2 1 
ATOM   265 C CD2 B LEU A 1 25 ? -12.497 -3.070  -0.623 0.50 17.09 ? 24  LEU A CD2 1 
ATOM   266 N N   . LYS A 1 26 ? -10.930 -7.750  0.706  1.00 14.02 ? 25  LYS A N   1 
ATOM   267 C CA  . LYS A 1 26 ? -11.337 -9.062  0.151  1.00 15.80 ? 25  LYS A CA  1 
ATOM   268 C C   . LYS A 1 26 ? -11.710 -10.006 1.301  1.00 14.92 ? 25  LYS A C   1 
ATOM   269 O O   . LYS A 1 26 ? -12.723 -10.708 1.212  1.00 16.72 ? 25  LYS A O   1 
ATOM   270 C CB  . LYS A 1 26 ? -10.245 -9.621  -0.750 1.00 16.30 ? 25  LYS A CB  1 
ATOM   271 C CG  . LYS A 1 26 ? -10.556 -11.020 -1.231 1.00 19.81 ? 25  LYS A CG  1 
ATOM   272 C CD  . LYS A 1 26 ? -9.578  -11.503 -2.205 1.00 27.03 ? 25  LYS A CD  1 
ATOM   273 C CE  . LYS A 1 26 ? -9.881  -12.926 -2.620 1.00 31.92 ? 25  LYS A CE  1 
ATOM   274 N NZ  . LYS A 1 26 ? -11.126 -12.968 -3.406 1.00 37.04 ? 25  LYS A NZ  1 
ATOM   275 N N   . ALA A 1 27 ? -10.936 -9.999  2.380  1.00 14.56 ? 26  ALA A N   1 
ATOM   276 C CA  . ALA A 1 27 ? -11.219 -10.878 3.538  1.00 14.97 ? 26  ALA A CA  1 
ATOM   277 C C   . ALA A 1 27 ? -12.538 -10.463 4.189  1.00 15.06 ? 26  ALA A C   1 
ATOM   278 O O   . ALA A 1 27 ? -13.347 -11.355 4.577  1.00 17.66 ? 26  ALA A O   1 
ATOM   279 C CB  . ALA A 1 27 ? -10.073 -10.865 4.519  1.00 15.37 ? 26  ALA A CB  1 
ATOM   280 N N   . LEU A 1 28 ? -12.789 -9.174  4.316  1.00 15.24 ? 27  LEU A N   1 
ATOM   281 C CA  . LEU A 1 28 ? -14.071 -8.685  4.863  1.00 16.43 ? 27  LEU A CA  1 
ATOM   282 C C   . LEU A 1 28 ? -15.206 -9.213  3.985  1.00 17.62 ? 27  LEU A C   1 
ATOM   283 O O   . LEU A 1 28 ? -16.235 -9.696  4.507  1.00 20.10 ? 27  LEU A O   1 
ATOM   284 C CB  . LEU A 1 28 ? -14.041 -7.156  4.972  1.00 17.84 ? 27  LEU A CB  1 
ATOM   285 C CG  . LEU A 1 28 ? -15.286 -6.448  5.486  1.00 22.83 ? 27  LEU A CG  1 
ATOM   286 C CD1 . LEU A 1 28 ? -15.835 -7.069  6.742  1.00 28.28 ? 27  LEU A CD1 1 
ATOM   287 C CD2 . LEU A 1 28 ? -14.957 -4.993  5.735  1.00 26.35 ? 27  LEU A CD2 1 
ATOM   288 N N   . ALA A 1 29 ? -15.053 -9.137  2.681  1.00 17.54 ? 28  ALA A N   1 
ATOM   289 C CA  . ALA A 1 29 ? -16.086 -9.613  1.743  1.00 19.90 ? 28  ALA A CA  1 
ATOM   290 C C   . ALA A 1 29 ? -16.320 -11.111 1.905  1.00 20.04 ? 28  ALA A C   1 
ATOM   291 O O   . ALA A 1 29 ? -17.477 -11.530 1.831  1.00 24.61 ? 28  ALA A O   1 
ATOM   292 C CB  . ALA A 1 29 ? -15.692 -9.315  0.331  1.00 19.74 ? 28  ALA A CB  1 
ATOM   293 N N   A LYS A 1 30 ? -15.258 -11.905 2.066  0.50 20.21 ? 29  LYS A N   1 
ATOM   294 N N   B LYS A 1 30 ? -15.258 -11.910 2.063  0.50 21.20 ? 29  LYS A N   1 
ATOM   295 C CA  A LYS A 1 30 ? -15.354 -13.388 2.141  0.50 24.09 ? 29  LYS A CA  1 
ATOM   296 C CA  B LYS A 1 30 ? -15.346 -13.397 2.143  0.50 25.40 ? 29  LYS A CA  1 
ATOM   297 C C   A LYS A 1 30 ? -16.095 -13.782 3.426  0.50 28.79 ? 29  LYS A C   1 
ATOM   298 C C   B LYS A 1 30 ? -16.046 -13.810 3.446  0.50 31.16 ? 29  LYS A C   1 
ATOM   299 O O   A LYS A 1 30 ? -16.729 -14.837 3.453  0.50 34.04 ? 29  LYS A O   1 
ATOM   300 O O   B LYS A 1 30 ? -16.561 -14.928 3.520  0.50 37.73 ? 29  LYS A O   1 
ATOM   301 C CB  A LYS A 1 30 ? -13.951 -14.004 2.096  0.50 26.89 ? 29  LYS A CB  1 
ATOM   302 C CB  B LYS A 1 30 ? -13.952 -14.035 2.107  0.50 28.81 ? 29  LYS A CB  1 
ATOM   303 C CG  A LYS A 1 30 ? -13.328 -14.054 0.710  0.50 29.91 ? 29  LYS A CG  1 
ATOM   304 C CG  B LYS A 1 30 ? -13.410 -14.378 0.727  0.50 32.51 ? 29  LYS A CG  1 
ATOM   305 C CD  A LYS A 1 30 ? -13.722 -15.284 -0.087 0.50 33.21 ? 29  LYS A CD  1 
ATOM   306 C CD  B LYS A 1 30 ? -14.394 -15.105 -0.178 0.50 34.57 ? 29  LYS A CD  1 
ATOM   307 C CE  A LYS A 1 30 ? -12.550 -16.212 -0.273 0.50 33.42 ? 29  LYS A CE  1 
ATOM   308 C CE  B LYS A 1 30 ? -14.738 -16.511 0.269  0.50 38.76 ? 29  LYS A CE  1 
ATOM   309 N NZ  A LYS A 1 30 ? -11.356 -15.428 -0.641 0.50 33.82 ? 29  LYS A NZ  1 
ATOM   310 N NZ  B LYS A 1 30 ? -16.165 -16.660 0.643  0.50 41.66 ? 29  LYS A NZ  1 
ATOM   311 N N   . GLY A 1 31 ? -16.004 -12.968 4.472  1.00 26.95 ? 30  GLY A N   1 
ATOM   312 C CA  . GLY A 1 31 ? -16.527 -13.322 5.798  1.00 30.77 ? 30  GLY A CA  1 
ATOM   313 C C   . GLY A 1 31 ? -17.970 -12.914 5.925  1.00 37.07 ? 30  GLY A C   1 
ATOM   314 O O   . GLY A 1 31 ? -18.631 -13.369 6.841  1.00 49.06 ? 30  GLY A O   1 
HETATM 315 N N   . NH2 A 1 32 ? -18.495 -12.141 5.120  1.00 42.25 ? 31  NH2 A N   1 
HETATM 316 O O   . HOH B 2 .  ? -12.729 -14.240 -4.056 1.00 40.41 ? 101 HOH A O   1 
HETATM 317 O O   . HOH B 2 .  ? 3.952   2.700   5.651  1.00 42.18 ? 102 HOH A O   1 
HETATM 318 O O   . HOH B 2 .  ? 17.641  10.760  -5.013 1.00 37.90 ? 103 HOH A O   1 
HETATM 319 O O   . HOH B 2 .  ? 0.559   6.103   5.514  0.50 45.34 ? 104 HOH A O   1 
HETATM 320 O O   . HOH B 2 .  ? -2.741  -0.431  5.074  1.00 27.11 ? 105 HOH A O   1 
HETATM 321 O O   . HOH B 2 .  ? -17.115 -17.516 3.330  1.00 64.05 ? 106 HOH A O   1 
HETATM 322 O O   . HOH B 2 .  ? -12.552 -13.768 5.485  1.00 34.34 ? 107 HOH A O   1 
HETATM 323 O O   . HOH B 2 .  ? -16.390 -10.508 7.157  1.00 36.54 ? 108 HOH A O   1 
HETATM 324 O O   . HOH B 2 .  ? 17.089  10.097  -1.712 1.00 16.81 ? 109 HOH A O   1 
HETATM 325 O O   . HOH B 2 .  ? 13.735  4.620   -4.051 1.00 21.42 ? 110 HOH A O   1 
HETATM 326 O O   . HOH B 2 .  ? 1.284   -5.128  1.404  1.00 33.01 ? 111 HOH A O   1 
HETATM 327 O O   . HOH B 2 .  ? 16.710  16.671  -3.931 1.00 29.92 ? 112 HOH A O   1 
HETATM 328 O O   . HOH B 2 .  ? -7.464  -11.432 1.395  1.00 24.03 ? 113 HOH A O   1 
HETATM 329 O O   . HOH B 2 .  ? 4.706   6.955   2.725  1.00 29.37 ? 114 HOH A O   1 
HETATM 330 O O   . HOH B 2 .  ? 4.130   0.430   4.185  1.00 33.78 ? 115 HOH A O   1 
HETATM 331 O O   . HOH B 2 .  ? -9.916  -13.594 1.386  1.00 45.34 ? 116 HOH A O   1 
HETATM 332 O O   . HOH B 2 .  ? 1.096   -8.770  -5.139 1.00 48.87 ? 117 HOH A O   1 
HETATM 333 O O   . HOH B 2 .  ? 2.924   5.213   3.902  1.00 45.77 ? 118 HOH A O   1 
HETATM 334 O O   . HOH B 2 .  ? -15.947 -17.425 -2.576 1.00 44.31 ? 119 HOH A O   1 
HETATM 335 O O   . HOH B 2 .  ? 19.216  11.384  -6.528 1.00 53.59 ? 120 HOH A O   1 
HETATM 336 O O   . HOH B 2 .  ? -13.260 -17.955 2.558  0.50 60.24 ? 121 HOH A O   1 
HETATM 337 O O   . HOH B 2 .  ? -13.972 -15.659 6.363  1.00 35.67 ? 122 HOH A O   1 
HETATM 338 O O   . HOH B 2 .  ? -10.425 -14.461 3.512  1.00 35.93 ? 123 HOH A O   1 
HETATM 339 O O   . HOH B 2 .  ? -14.357 -9.760  8.677  1.00 20.02 ? 124 HOH A O   1 
HETATM 340 O O   . HOH B 2 .  ? 2.778   -9.533  -4.143 0.50 45.91 ? 125 HOH A O   1 
HETATM 341 O O   . HOH B 2 .  ? -5.050  -12.329 2.391  1.00 40.07 ? 126 HOH A O   1 
# 
loop_
_atom_site_anisotrop.id 
_atom_site_anisotrop.type_symbol 
_atom_site_anisotrop.pdbx_label_atom_id 
_atom_site_anisotrop.pdbx_label_alt_id 
_atom_site_anisotrop.pdbx_label_comp_id 
_atom_site_anisotrop.pdbx_label_asym_id 
_atom_site_anisotrop.pdbx_label_seq_id 
_atom_site_anisotrop.pdbx_PDB_ins_code 
_atom_site_anisotrop.U[1][1] 
_atom_site_anisotrop.U[2][2] 
_atom_site_anisotrop.U[3][3] 
_atom_site_anisotrop.U[1][2] 
_atom_site_anisotrop.U[1][3] 
_atom_site_anisotrop.U[2][3] 
_atom_site_anisotrop.pdbx_auth_seq_id 
_atom_site_anisotrop.pdbx_auth_comp_id 
_atom_site_anisotrop.pdbx_auth_asym_id 
_atom_site_anisotrop.pdbx_auth_atom_id 
1   N N   . GLY A 2  ? 0.3967 0.5170 0.7145 0.0186  -0.0798 0.1003  1   GLY A N   
2   C CA  . GLY A 2  ? 0.2611 0.4128 0.5261 -0.0225 0.0422  0.0744  1   GLY A CA  
3   C C   . GLY A 2  ? 0.2194 0.2207 0.4392 0.0596  0.0067  0.0394  1   GLY A C   
4   O O   . GLY A 2  ? 0.2754 0.2296 0.4475 0.1097  0.0351  0.0429  1   GLY A O   
5   N N   A GLU A 3  ? 0.2007 0.1871 0.2824 0.0337  -0.0252 -0.0119 2   GLU A N   
6   N N   B GLU A 3  ? 0.2392 0.1653 0.4091 0.0794  -0.0462 -0.0156 2   GLU A N   
7   C CA  A GLU A 3  ? 0.2084 0.1690 0.2423 0.0220  -0.0138 -0.0207 2   GLU A CA  
8   C CA  B GLU A 3  ? 0.2970 0.2194 0.3908 0.0122  -0.0365 -0.0226 2   GLU A CA  
9   C C   A GLU A 3  ? 0.1633 0.1893 0.2160 0.0049  -0.0083 -0.0088 2   GLU A C   
10  C C   B GLU A 3  ? 0.2816 0.1812 0.3081 -0.0292 0.0014  -0.0068 2   GLU A C   
11  O O   A GLU A 3  ? 0.1683 0.1328 0.2073 0.0274  -0.0347 0.0273  2   GLU A O   
12  O O   B GLU A 3  ? 0.2999 0.1787 0.3261 -0.0230 0.0381  -0.0586 2   GLU A O   
13  C CB  A GLU A 3  ? 0.1741 0.1960 0.2485 0.0179  0.0127  -0.0215 2   GLU A CB  
14  C CB  B GLU A 3  ? 0.2569 0.2471 0.4200 0.0402  -0.0347 -0.0167 2   GLU A CB  
15  C CG  A GLU A 3  ? 0.1717 0.1415 0.2653 0.0082  0.0277  0.0022  2   GLU A CG  
16  C CG  B GLU A 3  ? 0.3082 0.2480 0.4027 0.0320  -0.0193 -0.0592 2   GLU A CG  
17  C CD  A GLU A 3  ? 0.2214 0.1270 0.3485 0.0188  0.0312  -0.0087 2   GLU A CD  
18  C CD  B GLU A 3  ? 0.3060 0.2948 0.4278 0.0626  -0.0077 -0.0670 2   GLU A CD  
19  O OE1 A GLU A 3  ? 0.2651 0.1441 0.4206 0.0865  0.0005  0.0225  2   GLU A OE1 
20  O OE1 B GLU A 3  ? 0.3316 0.3163 0.2718 0.0080  0.0099  -0.0814 2   GLU A OE1 
21  O OE2 A GLU A 3  ? 0.2865 0.2418 0.3556 0.0166  0.0759  -0.0240 2   GLU A OE2 
22  O OE2 B GLU A 3  ? 0.3777 0.3566 0.4553 0.0018  -0.0055 -0.0912 2   GLU A OE2 
23  N N   A LEU A 4  ? 0.1974 0.2358 0.2250 -0.0235 0.0048  0.0156  3   LEU A N   
24  N N   B LEU A 4  ? 0.2574 0.1991 0.2794 -0.0676 0.0109  0.0671  3   LEU A N   
25  C CA  A LEU A 4  ? 0.1990 0.2513 0.2331 -0.0348 0.0016  0.0138  3   LEU A CA  
26  C CA  B LEU A 4  ? 0.2343 0.2142 0.2294 -0.0430 0.0114  0.0517  3   LEU A CA  
27  C C   A LEU A 4  ? 0.1945 0.2473 0.2290 -0.0190 0.0008  0.0246  3   LEU A C   
28  C C   B LEU A 4  ? 0.2019 0.2093 0.2157 -0.0352 -0.0052 0.0433  3   LEU A C   
29  O O   A LEU A 4  ? 0.1714 0.1770 0.1935 -0.0040 -0.0119 0.0199  3   LEU A O   
30  O O   B LEU A 4  ? 0.1721 0.2057 0.1811 -0.0273 0.0043  0.0069  3   LEU A O   
31  C CB  A LEU A 4  ? 0.2318 0.2880 0.2408 -0.0305 0.0182  0.0102  3   LEU A CB  
32  C CB  B LEU A 4  ? 0.1866 0.1813 0.2352 -0.0070 0.0222  0.0526  3   LEU A CB  
33  C CG  A LEU A 4  ? 0.2218 0.3039 0.2974 0.0135  0.0146  0.0264  3   LEU A CG  
34  C CG  B LEU A 4  ? 0.2243 0.1623 0.2349 -0.0072 0.0290  0.0276  3   LEU A CG  
35  C CD1 A LEU A 4  ? 0.3237 0.3482 0.4039 0.0059  -0.0014 -0.0194 3   LEU A CD1 
36  C CD1 B LEU A 4  ? 0.2088 0.1664 0.1923 -0.0032 -0.0024 0.0151  3   LEU A CD1 
37  C CD2 A LEU A 4  ? 0.2632 0.3181 0.2929 -0.0036 0.0161  0.0356  3   LEU A CD2 
38  C CD2 B LEU A 4  ? 0.2426 0.2092 0.2498 0.0077  0.0363  0.0475  3   LEU A CD2 
39  N N   . LYS A 5  ? 0.1945 0.2249 0.2342 -0.0390 -0.0145 0.0451  4   LYS A N   
40  C CA  . LYS A 5  ? 0.1931 0.2032 0.2219 0.0017  -0.0030 0.0229  4   LYS A CA  
41  C C   . LYS A 5  ? 0.1399 0.1892 0.2110 0.0142  -0.0165 0.0257  4   LYS A C   
42  O O   . LYS A 5  ? 0.1643 0.1724 0.2275 -0.0036 -0.0008 0.0182  4   LYS A O   
43  C CB  . LYS A 5  ? 0.1956 0.2710 0.2740 0.0262  0.0184  0.0462  4   LYS A CB  
44  C CG  . LYS A 5  ? 0.2650 0.3988 0.2929 -0.0022 0.0547  0.0579  4   LYS A CG  
45  C CD  . LYS A 5  ? 0.3030 0.4653 0.3677 0.0672  0.0775  0.0680  4   LYS A CD  
46  C CE  . LYS A 5  ? 0.3259 0.5273 0.4420 0.0289  0.0778  0.0178  4   LYS A CE  
47  N NZ  . LYS A 5  ? 0.2600 0.5748 0.6506 0.0023  0.0351  0.0239  4   LYS A NZ  
48  N N   . ALA A 6  ? 0.1802 0.2021 0.2111 -0.0194 -0.0299 0.0253  5   ALA A N   
49  C CA  . ALA A 6  ? 0.1842 0.1973 0.1923 0.0098  -0.0233 0.0075  5   ALA A CA  
50  C C   . ALA A 6  ? 0.1842 0.1588 0.1984 -0.0017 -0.0266 0.0198  5   ALA A C   
51  O O   . ALA A 6  ? 0.1770 0.1859 0.1947 0.0081  -0.0110 0.0148  5   ALA A O   
52  C CB  . ALA A 6  ? 0.2052 0.2039 0.2066 -0.0218 -0.0251 0.0184  5   ALA A CB  
53  N N   . LEU A 7  ? 0.1796 0.1607 0.2008 -0.0007 -0.0243 0.0222  6   LEU A N   
54  C CA  . LEU A 7  ? 0.1886 0.1406 0.2103 0.0104  -0.0094 0.0139  6   LEU A CA  
55  C C   . LEU A 7  ? 0.1698 0.1633 0.1793 0.0132  -0.0079 0.0106  6   LEU A C   
56  O O   . LEU A 7  ? 0.1606 0.1639 0.2143 0.0199  -0.0061 0.0118  6   LEU A O   
57  C CB  . LEU A 7  ? 0.1952 0.1450 0.2330 0.0187  -0.0132 0.0193  6   LEU A CB  
58  C CG  . LEU A 7  ? 0.3432 0.1762 0.2803 0.0076  -0.0136 0.0070  6   LEU A CG  
59  C CD1 . LEU A 7  ? 0.4786 0.1429 0.3261 0.0451  0.0072  0.0087  6   LEU A CD1 
60  C CD2 . LEU A 7  ? 0.3857 0.2303 0.3684 0.0055  0.0507  -0.0183 6   LEU A CD2 
61  N N   . ALA A 8  ? 0.1597 0.1617 0.1850 0.0048  -0.0064 -0.0006 7   ALA A N   
62  C CA  . ALA A 8  ? 0.1484 0.1640 0.1944 0.0107  -0.0077 -0.0001 7   ALA A CA  
63  C C   . ALA A 8  ? 0.1385 0.1320 0.2209 0.0313  -0.0079 0.0011  7   ALA A C   
64  O O   . ALA A 8  ? 0.1424 0.1435 0.2114 0.0183  0.0003  -0.0041 7   ALA A O   
65  C CB  . ALA A 8  ? 0.1800 0.1698 0.2006 -0.0073 0.0046  -0.0118 7   ALA A CB  
66  N N   . GLN A 9  ? 0.1446 0.1434 0.2232 0.0093  -0.0107 0.0160  8   GLN A N   
67  C CA  . GLN A 9  ? 0.1625 0.1733 0.2319 0.0183  -0.0309 0.0308  8   GLN A CA  
68  C C   . GLN A 9  ? 0.1623 0.1769 0.2036 0.0080  -0.0316 0.0336  8   GLN A C   
69  O O   . GLN A 9  ? 0.1695 0.2049 0.2495 -0.0094 -0.0250 0.0598  8   GLN A O   
70  C CB  . GLN A 9  ? 0.1738 0.1794 0.2491 0.0062  -0.0311 0.0370  8   GLN A CB  
71  C CG  . GLN A 9  ? 0.1841 0.2007 0.2815 0.0096  0.0078  0.0253  8   GLN A CG  
72  C CD  . GLN A 9  ? 0.1861 0.2002 0.3182 0.0476  -0.0165 0.0372  8   GLN A CD  
73  O OE1 . GLN A 9  ? 0.2082 0.1941 0.3529 0.0545  0.0304  0.0429  8   GLN A OE1 
74  N NE2 . GLN A 9  ? 0.2307 0.2132 0.3636 0.0524  0.0371  0.0313  8   GLN A NE2 
75  N N   . GLU A 10 ? 0.1587 0.1820 0.2102 0.0183  -0.0168 0.0410  9   GLU A N   
76  C CA  . GLU A 10 ? 0.1782 0.2415 0.1951 0.0206  0.0082  0.0296  9   GLU A CA  
77  C C   . GLU A 10 ? 0.1630 0.2150 0.1916 0.0398  -0.0001 0.0388  9   GLU A C   
78  O O   . GLU A 10 ? 0.1675 0.2478 0.1943 0.0193  0.0040  0.0405  9   GLU A O   
79  C CB  . GLU A 10 ? 0.2052 0.2341 0.2163 0.0314  -0.0024 0.0233  9   GLU A CB  
80  C CG  . GLU A 10 ? 0.2635 0.2682 0.2375 -0.0081 -0.0022 0.0095  9   GLU A CG  
81  C CD  . GLU A 10 ? 0.3979 0.2821 0.3772 -0.0226 0.0077  -0.0625 9   GLU A CD  
82  O OE1 . GLU A 10 ? 0.5093 0.3534 0.5673 -0.0237 0.0484  -0.1491 9   GLU A OE1 
83  O OE2 . GLU A 10 ? 0.4519 0.2838 0.6195 -0.0987 0.0131  -0.0679 9   GLU A OE2 
84  N N   A LEU A 11 ? 0.1330 0.1712 0.1892 0.0336  0.0045  0.0360  10  LEU A N   
85  N N   B LEU A 11 ? 0.1436 0.1906 0.1908 0.0380  0.0030  0.0333  10  LEU A N   
86  C CA  A LEU A 11 ? 0.1285 0.1415 0.1894 0.0515  0.0008  0.0287  10  LEU A CA  
87  C CA  B LEU A 11 ? 0.1434 0.1834 0.2163 0.0368  -0.0026 0.0344  10  LEU A CA  
88  C C   A LEU A 11 ? 0.1456 0.1388 0.1881 0.0296  -0.0045 0.0401  10  LEU A C   
89  C C   B LEU A 11 ? 0.1409 0.1732 0.1928 0.0333  0.0057  0.0396  10  LEU A C   
90  O O   A LEU A 11 ? 0.1440 0.1570 0.1653 0.0204  0.0103  0.0249  10  LEU A O   
91  O O   B LEU A 11 ? 0.1497 0.1874 0.1822 0.0134  0.0022  0.0287  10  LEU A O   
92  C CB  A LEU A 11 ? 0.1202 0.0921 0.1745 0.0566  0.0035  0.0070  10  LEU A CB  
93  C CB  B LEU A 11 ? 0.1479 0.1730 0.2114 0.0293  -0.0049 0.0289  10  LEU A CB  
94  C CG  A LEU A 11 ? 0.1293 0.0870 0.1824 0.0426  0.0098  -0.0140 10  LEU A CG  
95  C CG  B LEU A 11 ? 0.1618 0.1728 0.2343 0.0223  -0.0235 0.0213  10  LEU A CG  
96  C CD1 A LEU A 11 ? 0.1197 0.1156 0.1677 0.0438  -0.0015 0.0050  10  LEU A CD1 
97  C CD1 B LEU A 11 ? 0.1661 0.2032 0.2518 0.0092  -0.0059 0.0382  10  LEU A CD1 
98  C CD2 A LEU A 11 ? 0.1456 0.0963 0.1768 0.0333  -0.0027 -0.0117 10  LEU A CD2 
99  C CD2 B LEU A 11 ? 0.1690 0.1715 0.2402 0.0353  -0.0194 0.0162  10  LEU A CD2 
100 N N   . LYS A 12 ? 0.1409 0.1466 0.2083 0.0268  0.0011  0.0311  11  LYS A N   
101 C CA  . LYS A 12 ? 0.1532 0.1563 0.2485 0.0338  0.0067  0.0404  11  LYS A CA  
102 C C   . LYS A 12 ? 0.1417 0.1892 0.2504 0.0267  -0.0068 0.0618  11  LYS A C   
103 O O   . LYS A 12 ? 0.1506 0.1770 0.2914 0.0173  0.0047  0.0593  11  LYS A O   
104 C CB  . LYS A 12 ? 0.1785 0.1619 0.3072 0.0568  0.0105  0.0538  11  LYS A CB  
105 C CG  . LYS A 12 ? 0.3038 0.2902 0.3051 0.0821  0.0004  0.0733  11  LYS A CG  
106 C CD  . LYS A 12 ? 0.3192 0.4352 0.3608 0.1357  0.0233  0.0247  11  LYS A CD  
107 C CE  . LYS A 12 ? 0.4350 0.5952 0.2990 0.1190  0.0083  0.0124  11  LYS A CE  
108 N NZ  . LYS A 12 ? 0.4135 0.7125 0.3981 0.1270  -0.0324 0.0443  11  LYS A NZ  
109 N N   . ALA A 13 ? 0.1482 0.2203 0.2394 0.0017  -0.0175 0.0665  12  ALA A N   
110 C CA  . ALA A 13 ? 0.1593 0.2778 0.2402 -0.0076 -0.0116 0.0855  12  ALA A CA  
111 C C   . ALA A 13 ? 0.1591 0.2436 0.2246 -0.0055 -0.0149 0.0658  12  ALA A C   
112 O O   . ALA A 13 ? 0.1657 0.2567 0.2520 0.0059  -0.0082 0.0942  12  ALA A O   
113 C CB  . ALA A 13 ? 0.1711 0.3363 0.2326 -0.0326 -0.0073 0.0790  12  ALA A CB  
114 N N   A LEU A 14 ? 0.1453 0.2296 0.2227 0.0041  0.0062  0.0564  13  LEU A N   
115 N N   B LEU A 14 ? 0.1594 0.2350 0.2409 -0.0037 -0.0032 0.0658  13  LEU A N   
116 C CA  A LEU A 14 ? 0.1490 0.2093 0.2042 0.0153  0.0069  0.0432  13  LEU A CA  
117 C CA  B LEU A 14 ? 0.1600 0.2355 0.2338 0.0055  0.0048  0.0374  13  LEU A CA  
118 C C   A LEU A 14 ? 0.1434 0.1792 0.2106 0.0338  -0.0062 0.0409  13  LEU A C   
119 C C   B LEU A 14 ? 0.1519 0.1928 0.2172 0.0335  -0.0044 0.0397  13  LEU A C   
120 O O   A LEU A 14 ? 0.1369 0.1610 0.2416 0.0251  -0.0021 0.0408  13  LEU A O   
121 O O   B LEU A 14 ? 0.1514 0.1919 0.2529 0.0122  -0.0077 0.0486  13  LEU A O   
122 C CB  A LEU A 14 ? 0.1406 0.2068 0.1985 0.0199  0.0044  0.0384  13  LEU A CB  
123 C CB  B LEU A 14 ? 0.1767 0.2231 0.2729 -0.0047 -0.0005 0.0317  13  LEU A CB  
124 C CG  A LEU A 14 ? 0.1508 0.2225 0.2221 0.0392  0.0230  0.0099  13  LEU A CG  
125 C CG  B LEU A 14 ? 0.2036 0.2624 0.3325 0.0162  0.0053  0.0028  13  LEU A CG  
126 C CD1 A LEU A 14 ? 0.1947 0.1941 0.2392 0.0573  0.0613  0.0024  13  LEU A CD1 
127 C CD1 B LEU A 14 ? 0.2042 0.2733 0.3234 0.0614  -0.0204 -0.0081 13  LEU A CD1 
128 C CD2 A LEU A 14 ? 0.1829 0.2639 0.2415 0.0230  0.0357  -0.0156 13  LEU A CD2 
129 C CD2 B LEU A 14 ? 0.2461 0.3239 0.3629 0.0429  0.0428  -0.0064 13  LEU A CD2 
130 N N   . ALA A 15 ? 0.1353 0.1784 0.2244 0.0209  0.0021  0.0396  14  ALA A N   
131 C CA  . ALA A 15 ? 0.1512 0.1577 0.2269 0.0279  0.0032  0.0303  14  ALA A CA  
132 C C   . ALA A 15 ? 0.1433 0.1619 0.2507 0.0412  0.0019  0.0443  14  ALA A C   
133 O O   . ALA A 15 ? 0.1538 0.1595 0.2485 0.0241  0.0192  0.0295  14  ALA A O   
134 C CB  . ALA A 15 ? 0.1714 0.1930 0.2309 0.0165  0.0150  0.0313  14  ALA A CB  
135 N N   . LYS A 16 ? 0.1550 0.1936 0.2448 0.0273  0.0072  0.0615  15  LYS A N   
136 C CA  . LYS A 16 ? 0.1663 0.1843 0.2784 0.0580  0.0112  0.0726  15  LYS A CA  
137 C C   . LYS A 16 ? 0.1550 0.1801 0.2654 0.0409  0.0027  0.0709  15  LYS A C   
138 O O   . LYS A 16 ? 0.1639 0.1821 0.2838 0.0269  0.0107  0.0786  15  LYS A O   
139 C CB  . LYS A 16 ? 0.1483 0.2740 0.3391 0.0690  0.0142  0.0756  15  LYS A CB  
140 C CG  . LYS A 16 ? 0.2908 0.3742 0.3615 0.0415  -0.0236 0.1169  15  LYS A CG  
141 C CD  . LYS A 16 ? 0.3485 0.4844 0.3909 0.0309  -0.0730 0.1425  15  LYS A CD  
142 C CE  . LYS A 16 ? 0.4169 0.6410 0.5016 -0.0365 -0.0510 0.0467  15  LYS A CE  
143 N NZ  . LYS A 16 ? 0.5341 0.7629 0.5468 -0.0009 0.0106  0.0928  15  LYS A NZ  
144 N N   . GLU A 17 ? 0.1456 0.1755 0.2602 0.0296  0.0016  0.0623  16  GLU A N   
145 C CA  A GLU A 17 ? 0.1611 0.2129 0.2402 0.0400  0.0021  0.0631  16  GLU A CA  
146 C CA  B GLU A 17 ? 0.1574 0.2115 0.2412 0.0421  0.0025  0.0681  16  GLU A CA  
147 C C   . GLU A 17 ? 0.1501 0.1639 0.2323 0.0515  0.0071  0.0493  16  GLU A C   
148 O O   . GLU A 17 ? 0.1609 0.1829 0.2354 0.0193  0.0111  0.0543  16  GLU A O   
149 C CB  A GLU A 17 ? 0.1690 0.2524 0.2464 0.0215  0.0145  0.0282  16  GLU A CB  
150 C CB  B GLU A 17 ? 0.1656 0.2441 0.2290 0.0278  0.0122  0.0527  16  GLU A CB  
151 C CG  A GLU A 17 ? 0.2254 0.3107 0.3019 -0.0083 -0.0187 0.0074  16  GLU A CG  
152 C CG  B GLU A 17 ? 0.2059 0.3225 0.2875 0.0002  -0.0114 0.0449  16  GLU A CG  
153 C CD  A GLU A 17 ? 0.3557 0.3999 0.2627 -0.0110 -0.0406 0.0216  16  GLU A CD  
154 C CD  B GLU A 17 ? 0.2778 0.4277 0.3352 0.0498  -0.0336 -0.0134 16  GLU A CD  
155 O OE1 A GLU A 17 ? 0.4870 0.4674 0.4109 -0.0004 0.0237  -0.0619 16  GLU A OE1 
156 O OE1 B GLU A 17 ? 0.3851 0.4305 0.4243 0.0957  -0.0352 -0.0396 16  GLU A OE1 
157 O OE2 A GLU A 17 ? 0.3349 0.4344 0.2420 -0.0290 -0.0305 0.0510  16  GLU A OE2 
158 O OE2 B GLU A 17 ? 0.3331 0.6604 0.3384 0.0401  -0.0449 -0.0615 16  GLU A OE2 
159 N N   A LEU A 18 ? 0.1458 0.1378 0.2363 0.0409  0.0072  0.0548  17  LEU A N   
160 N N   B LEU A 18 ? 0.1433 0.1503 0.2380 0.0358  0.0073  0.0564  17  LEU A N   
161 C CA  A LEU A 18 ? 0.1413 0.1115 0.2332 0.0618  0.0114  0.0354  17  LEU A CA  
162 C CA  B LEU A 18 ? 0.1409 0.1342 0.2315 0.0515  0.0122  0.0394  17  LEU A CA  
163 C C   A LEU A 18 ? 0.1593 0.1056 0.2245 0.0513  0.0133  0.0371  17  LEU A C   
164 C C   B LEU A 18 ? 0.1485 0.1166 0.2294 0.0514  0.0121  0.0517  17  LEU A C   
165 O O   A LEU A 18 ? 0.1514 0.1349 0.1955 0.0335  0.0161  0.0193  17  LEU A O   
166 O O   B LEU A 18 ? 0.1452 0.1202 0.2311 0.0307  0.0001  0.0465  17  LEU A O   
167 C CB  A LEU A 18 ? 0.1405 0.1225 0.2339 0.0370  -0.0034 0.0441  17  LEU A CB  
168 C CB  B LEU A 18 ? 0.1325 0.1243 0.2206 0.0603  0.0046  0.0339  17  LEU A CB  
169 C CG  A LEU A 18 ? 0.1639 0.1163 0.2379 0.0323  -0.0182 0.0409  17  LEU A CG  
170 C CG  B LEU A 18 ? 0.1461 0.1234 0.2022 0.0483  0.0058  0.0245  17  LEU A CG  
171 C CD1 A LEU A 18 ? 0.1576 0.1475 0.2793 0.0372  0.0159  0.0693  17  LEU A CD1 
172 C CD1 B LEU A 18 ? 0.1475 0.1251 0.1982 0.0533  -0.0019 0.0293  17  LEU A CD1 
173 C CD2 A LEU A 18 ? 0.1788 0.1209 0.2317 0.0441  -0.0135 0.0320  17  LEU A CD2 
174 C CD2 B LEU A 18 ? 0.1758 0.1086 0.2080 0.0460  0.0009  0.0300  17  LEU A CD2 
175 N N   . LYS A 19 ? 0.1598 0.1191 0.2447 0.0512  0.0277  0.0420  18  LYS A N   
176 C CA  A LYS A 19 ? 0.1860 0.1103 0.2637 0.0752  0.0302  0.0351  18  LYS A CA  
177 C CA  B LYS A 19 ? 0.1908 0.1277 0.2638 0.0446  0.0261  0.0333  18  LYS A CA  
178 C C   . LYS A 19 ? 0.1621 0.1356 0.2613 0.0584  0.0205  0.0467  18  LYS A C   
179 O O   . LYS A 19 ? 0.1601 0.1380 0.2620 0.0480  0.0222  0.0364  18  LYS A O   
180 C CB  A LYS A 19 ? 0.2032 0.1258 0.3251 0.0825  0.0481  0.0213  18  LYS A CB  
181 C CB  B LYS A 19 ? 0.1851 0.1911 0.3005 0.0305  0.0428  0.0220  18  LYS A CB  
182 C CG  A LYS A 19 ? 0.2597 0.1191 0.3664 0.0807  0.0599  0.0251  18  LYS A CG  
183 C CG  B LYS A 19 ? 0.2310 0.2086 0.3334 0.0243  0.0204  0.0167  18  LYS A CG  
184 C CD  A LYS A 19 ? 0.3060 0.2060 0.4139 0.0866  0.0785  -0.0209 18  LYS A CD  
185 C CD  B LYS A 19 ? 0.3005 0.2945 0.3482 0.0279  0.0421  0.0166  18  LYS A CD  
186 C CE  A LYS A 19 ? 0.3385 0.2123 0.4541 0.0890  0.0820  -0.0383 18  LYS A CE  
187 C CE  B LYS A 19 ? 0.3260 0.3659 0.3722 -0.0008 -0.0059 0.0317  18  LYS A CE  
188 N NZ  A LYS A 19 ? 0.3249 0.2638 0.4492 0.1010  0.0704  0.0243  18  LYS A NZ  
189 N NZ  B LYS A 19 ? 0.4213 0.4306 0.3635 0.0129  0.0028  0.0421  18  LYS A NZ  
190 N N   . ALA A 20 ? 0.1582 0.1252 0.2508 0.0335  0.0060  0.0557  19  ALA A N   
191 C CA  . ALA A 20 ? 0.1632 0.1303 0.2555 0.0506  0.0131  0.0599  19  ALA A CA  
192 C C   . ALA A 20 ? 0.1568 0.1451 0.2253 0.0498  0.0096  0.0528  19  ALA A C   
193 O O   . ALA A 20 ? 0.1610 0.1393 0.2515 0.0308  -0.0027 0.0626  19  ALA A O   
194 C CB  . ALA A 20 ? 0.1539 0.1985 0.2677 0.0380  -0.0031 0.0820  19  ALA A CB  
195 N N   A LEU A 21 ? 0.1483 0.1343 0.2276 0.0435  0.0099  0.0489  20  LEU A N   
196 N N   B LEU A 21 ? 0.1491 0.1295 0.2216 0.0417  0.0068  0.0472  20  LEU A N   
197 C CA  A LEU A 21 ? 0.1511 0.1512 0.2078 0.0496  0.0076  0.0369  20  LEU A CA  
198 C CA  B LEU A 21 ? 0.1544 0.1386 0.2034 0.0565  0.0063  0.0491  20  LEU A CA  
199 C C   A LEU A 21 ? 0.1577 0.1245 0.2087 0.0412  0.0030  0.0404  20  LEU A C   
200 C C   B LEU A 21 ? 0.1628 0.1239 0.2087 0.0436  0.0032  0.0457  20  LEU A C   
201 O O   A LEU A 21 ? 0.1523 0.1295 0.2124 0.0361  0.0114  0.0315  20  LEU A O   
202 O O   B LEU A 21 ? 0.1618 0.1532 0.2323 0.0325  0.0159  0.0452  20  LEU A O   
203 C CB  A LEU A 21 ? 0.1450 0.1471 0.2153 0.0404  0.0176  0.0222  20  LEU A CB  
204 C CB  B LEU A 21 ? 0.1612 0.1361 0.2307 0.0540  0.0031  0.0533  20  LEU A CB  
205 C CG  A LEU A 21 ? 0.1866 0.1896 0.2277 0.0380  0.0150  0.0004  20  LEU A CG  
206 C CG  B LEU A 21 ? 0.2041 0.1318 0.2603 0.0869  0.0209  0.0507  20  LEU A CG  
207 C CD1 A LEU A 21 ? 0.2019 0.1914 0.2584 -0.0023 0.0216  -0.0321 20  LEU A CD1 
208 C CD1 B LEU A 21 ? 0.2257 0.1917 0.2870 0.0952  0.0612  0.0509  20  LEU A CD1 
209 C CD2 A LEU A 21 ? 0.2468 0.1755 0.2560 -0.0151 0.0358  0.0215  20  LEU A CD2 
210 C CD2 B LEU A 21 ? 0.2600 0.1363 0.3182 0.0840  0.0329  0.0547  20  LEU A CD2 
211 N N   . ALA A 22 ? 0.1535 0.1380 0.2052 0.0369  0.0094  0.0449  21  ALA A N   
212 C CA  . ALA A 22 ? 0.1686 0.1412 0.2005 0.0463  -0.0021 0.0444  21  ALA A CA  
213 C C   . ALA A 22 ? 0.1634 0.1301 0.2055 0.0499  0.0097  0.0407  21  ALA A C   
214 O O   . ALA A 22 ? 0.1832 0.1361 0.2056 0.0343  0.0017  0.0237  21  ALA A O   
215 C CB  . ALA A 22 ? 0.1816 0.1737 0.2047 0.0442  0.0031  0.0428  21  ALA A CB  
216 N N   . TRP A 23 ? 0.1587 0.1304 0.2020 0.0464  0.0061  0.0271  22  TRP A N   
217 C CA  A TRP A 23 ? 0.1781 0.1164 0.2109 0.0620  0.0024  0.0238  22  TRP A CA  
218 C CA  B TRP A 23 ? 0.1993 0.1220 0.2051 0.0548  0.0024  0.0237  22  TRP A CA  
219 C C   . TRP A 23 ? 0.1777 0.1224 0.2062 0.0410  -0.0019 0.0272  22  TRP A C   
220 O O   . TRP A 23 ? 0.1962 0.1218 0.2087 0.0309  0.0152  0.0226  22  TRP A O   
221 C CB  A TRP A 23 ? 0.1753 0.1109 0.2327 0.0680  0.0155  0.0198  22  TRP A CB  
222 C CB  B TRP A 23 ? 0.2019 0.1311 0.2337 0.0591  0.0058  0.0264  22  TRP A CB  
223 C CG  A TRP A 23 ? 0.1887 0.1309 0.2386 0.0773  0.0221  0.0202  22  TRP A CG  
224 C CG  B TRP A 23 ? 0.2347 0.1111 0.2432 0.0673  0.0132  0.0111  22  TRP A CG  
225 C CD1 A TRP A 23 ? 0.2251 0.1288 0.2472 0.0445  0.0419  0.0125  22  TRP A CD1 
226 C CD1 B TRP A 23 ? 0.2537 0.2182 0.2602 0.0774  0.0070  -0.0178 22  TRP A CD1 
227 C CD2 A TRP A 23 ? 0.2211 0.1248 0.2445 0.0650  0.0331  0.0259  22  TRP A CD2 
228 C CD2 B TRP A 23 ? 0.2332 0.1868 0.2335 0.0251  0.0046  0.0370  22  TRP A CD2 
229 N NE1 A TRP A 23 ? 0.2235 0.1588 0.2695 0.0795  0.0289  -0.0058 22  TRP A NE1 
230 N NE1 B TRP A 23 ? 0.2668 0.2577 0.2442 0.0606  0.0123  -0.0425 22  TRP A NE1 
231 C CE2 A TRP A 23 ? 0.2361 0.1244 0.2709 0.0740  0.0489  -0.0058 22  TRP A CE2 
232 C CE2 B TRP A 23 ? 0.2651 0.1492 0.2460 0.0548  -0.0048 -0.0026 22  TRP A CE2 
233 C CE3 A TRP A 23 ? 0.2120 0.1359 0.2391 0.0701  0.0222  0.0213  22  TRP A CE3 
234 C CE3 B TRP A 23 ? 0.2362 0.2670 0.2570 0.0151  0.0090  -0.0035 22  TRP A CE3 
235 C CZ2 A TRP A 23 ? 0.1975 0.1660 0.2619 0.1129  0.0478  -0.0216 22  TRP A CZ2 
236 C CZ2 B TRP A 23 ? 0.2865 0.2193 0.2756 0.0231  0.0265  0.0048  22  TRP A CZ2 
237 C CZ3 A TRP A 23 ? 0.2308 0.1625 0.2387 0.0577  0.0140  0.0058  22  TRP A CZ3 
238 C CZ3 B TRP A 23 ? 0.2314 0.3626 0.2851 0.0215  0.0084  0.0064  22  TRP A CZ3 
239 C CH2 A TRP A 23 ? 0.2290 0.1230 0.2656 0.1080  0.0357  -0.0198 22  TRP A CH2 
240 C CH2 B TRP A 23 ? 0.2538 0.3426 0.2909 0.0328  0.0105  0.0264  22  TRP A CH2 
241 N N   . GLU A 24 ? 0.1779 0.1125 0.1986 0.0276  0.0068  0.0293  23  GLU A N   
242 C CA  . GLU A 24 ? 0.1899 0.1274 0.1959 0.0264  0.0029  0.0408  23  GLU A CA  
243 C C   . GLU A 24 ? 0.1729 0.1244 0.1960 0.0360  0.0185  0.0257  23  GLU A C   
244 O O   . GLU A 24 ? 0.1882 0.1298 0.2090 0.0212  0.0134  0.0274  23  GLU A O   
245 C CB  . GLU A 24 ? 0.1767 0.1331 0.2125 0.0305  0.0148  0.0282  23  GLU A CB  
246 C CG  . GLU A 24 ? 0.1948 0.1258 0.2331 0.0337  0.0104  0.0214  23  GLU A CG  
247 C CD  . GLU A 24 ? 0.2540 0.1613 0.2282 0.0276  0.0078  0.0000  23  GLU A CD  
248 O OE1 . GLU A 24 ? 0.2752 0.2106 0.3157 -0.0238 0.0357  -0.0377 23  GLU A OE1 
249 O OE2 . GLU A 24 ? 0.2802 0.1957 0.2366 0.0645  0.0081  0.0033  23  GLU A OE2 
250 N N   A LEU A 25 ? 0.1551 0.1120 0.2121 0.0436  0.0117  0.0326  24  LEU A N   
251 N N   B LEU A 25 ? 0.1709 0.1203 0.2066 0.0376  0.0075  0.0316  24  LEU A N   
252 C CA  A LEU A 25 ? 0.1599 0.1222 0.2068 0.0444  0.0070  0.0255  24  LEU A CA  
253 C CA  B LEU A 25 ? 0.1722 0.1386 0.2055 0.0358  0.0034  0.0228  24  LEU A CA  
254 C C   A LEU A 25 ? 0.1862 0.1237 0.2033 0.0299  0.0005  0.0269  24  LEU A C   
255 C C   B LEU A 25 ? 0.1897 0.1361 0.2034 0.0283  0.0004  0.0242  24  LEU A C   
256 O O   A LEU A 25 ? 0.1850 0.1593 0.2307 0.0146  0.0054  0.0239  24  LEU A O   
257 O O   B LEU A 25 ? 0.1943 0.1636 0.2291 0.0074  0.0037  0.0314  24  LEU A O   
258 C CB  A LEU A 25 ? 0.1496 0.1150 0.2297 0.0510  0.0085  0.0371  24  LEU A CB  
259 C CB  B LEU A 25 ? 0.1812 0.1364 0.2209 0.0283  0.0054  0.0284  24  LEU A CB  
260 C CG  A LEU A 25 ? 0.1644 0.1257 0.2479 0.0400  0.0128  0.0326  24  LEU A CG  
261 C CG  B LEU A 25 ? 0.2093 0.1557 0.2359 0.0393  -0.0118 0.0317  24  LEU A CG  
262 C CD1 A LEU A 25 ? 0.1872 0.1277 0.3148 0.0574  0.0225  0.0701  24  LEU A CD1 
263 C CD1 B LEU A 25 ? 0.2041 0.1777 0.2743 0.0318  -0.0015 0.0208  24  LEU A CD1 
264 C CD2 A LEU A 25 ? 0.1884 0.1253 0.2198 0.0331  0.0149  0.0112  24  LEU A CD2 
265 C CD2 B LEU A 25 ? 0.2361 0.1630 0.2502 0.0198  -0.0149 0.0348  24  LEU A CD2 
266 N N   . LYS A 26 ? 0.1885 0.1479 0.1961 0.0258  0.0023  0.0104  25  LYS A N   
267 C CA  . LYS A 26 ? 0.2232 0.1604 0.2166 0.0199  -0.0020 -0.0024 25  LYS A CA  
268 C C   . LYS A 26 ? 0.2031 0.1547 0.2090 0.0183  -0.0142 -0.0094 25  LYS A C   
269 O O   . LYS A 26 ? 0.2240 0.1883 0.2228 -0.0086 -0.0170 0.0079  25  LYS A O   
270 C CB  . LYS A 26 ? 0.2374 0.1708 0.2110 0.0331  0.0037  0.0020  25  LYS A CB  
271 C CG  . LYS A 26 ? 0.3515 0.1732 0.2280 0.0523  0.0075  -0.0052 25  LYS A CG  
272 C CD  . LYS A 26 ? 0.4714 0.2415 0.3141 0.0787  0.0628  -0.0020 25  LYS A CD  
273 C CE  . LYS A 26 ? 0.6139 0.2592 0.3395 0.0589  0.0338  -0.0725 25  LYS A CE  
274 N NZ  . LYS A 26 ? 0.6127 0.2575 0.5370 -0.0418 -0.0069 0.0280  25  LYS A NZ  
275 N N   . ALA A 27 ? 0.2039 0.1440 0.2051 0.0065  -0.0074 0.0154  26  ALA A N   
276 C CA  . ALA A 27 ? 0.2169 0.1407 0.2109 -0.0019 -0.0224 0.0169  26  ALA A CA  
277 C C   . ALA A 27 ? 0.2059 0.1649 0.2014 -0.0044 -0.0241 0.0399  26  ALA A C   
278 O O   . ALA A 27 ? 0.2409 0.1822 0.2476 -0.0365 -0.0142 0.0482  26  ALA A O   
279 C CB  . ALA A 27 ? 0.2338 0.1213 0.2285 0.0040  -0.0282 0.0285  26  ALA A CB  
280 N N   . LEU A 28 ? 0.1880 0.1719 0.2191 -0.0014 -0.0047 0.0335  27  LEU A N   
281 C CA  . LEU A 28 ? 0.2023 0.1999 0.2218 0.0106  0.0034  0.0216  27  LEU A CA  
282 C C   . LEU A 28 ? 0.2137 0.2263 0.2295 -0.0107 0.0056  0.0203  27  LEU A C   
283 O O   . LEU A 28 ? 0.2220 0.2946 0.2472 -0.0572 0.0035  0.0274  27  LEU A O   
284 C CB  . LEU A 28 ? 0.2149 0.2039 0.2589 0.0245  0.0334  0.0054  27  LEU A CB  
285 C CG  . LEU A 28 ? 0.2705 0.2406 0.3563 0.0497  0.0824  0.0143  27  LEU A CG  
286 C CD1 . LEU A 28 ? 0.3510 0.3635 0.3600 0.0709  0.0548  0.0482  27  LEU A CD1 
287 C CD2 . LEU A 28 ? 0.3156 0.2269 0.4584 0.0978  0.1096  -0.0107 27  LEU A CD2 
288 N N   . ALA A 29 ? 0.2219 0.2218 0.2224 -0.0040 -0.0090 0.0436  28  ALA A N   
289 C CA  . ALA A 29 ? 0.2649 0.2532 0.2378 -0.0125 -0.0457 0.0530  28  ALA A CA  
290 C C   . ALA A 29 ? 0.2473 0.2721 0.2418 -0.0520 -0.0294 0.0430  28  ALA A C   
291 O O   . ALA A 29 ? 0.2527 0.3255 0.3566 -0.0750 -0.0588 0.0469  28  ALA A O   
292 C CB  . ALA A 29 ? 0.2560 0.2517 0.2420 -0.0083 -0.0286 0.0419  28  ALA A CB  
293 N N   A LYS A 30 ? 0.2583 0.2416 0.2678 -0.0392 -0.0381 0.0320  29  LYS A N   
294 N N   B LYS A 30 ? 0.2635 0.2622 0.2796 -0.0350 -0.0513 0.0204  29  LYS A N   
295 C CA  A LYS A 30 ? 0.3621 0.2496 0.3034 -0.0400 -0.0540 0.0255  29  LYS A CA  
296 C CA  B LYS A 30 ? 0.3745 0.2725 0.3178 -0.0483 -0.0725 -0.0029 29  LYS A CA  
297 C C   A LYS A 30 ? 0.4051 0.3979 0.2907 -0.0443 -0.0220 0.0709  29  LYS A C   
298 C C   B LYS A 30 ? 0.4325 0.4337 0.3177 -0.0398 -0.0355 0.0402  29  LYS A C   
299 O O   A LYS A 30 ? 0.4409 0.3780 0.4743 -0.0855 -0.0213 0.0539  29  LYS A O   
300 O O   B LYS A 30 ? 0.5234 0.3881 0.5220 -0.0628 -0.0203 0.0451  29  LYS A O   
301 C CB  A LYS A 30 ? 0.3881 0.2815 0.3518 -0.0257 -0.0333 0.0119  29  LYS A CB  
302 C CB  B LYS A 30 ? 0.3874 0.3445 0.3627 -0.0381 -0.0726 -0.0336 29  LYS A CB  
303 C CG  A LYS A 30 ? 0.4800 0.2922 0.3643 -0.0537 -0.0148 0.0551  29  LYS A CG  
304 C CG  B LYS A 30 ? 0.4534 0.4121 0.3696 -0.0684 -0.0840 -0.0560 29  LYS A CG  
305 C CD  A LYS A 30 ? 0.5293 0.3680 0.3645 -0.0492 -0.0066 -0.0060 29  LYS A CD  
306 C CD  B LYS A 30 ? 0.4951 0.4813 0.3370 -0.0751 -0.0787 -0.1057 29  LYS A CD  
307 C CE  A LYS A 30 ? 0.5191 0.4136 0.3369 -0.0389 0.0206  -0.0199 29  LYS A CE  
308 C CE  B LYS A 30 ? 0.5419 0.4853 0.4453 -0.0503 -0.0435 -0.0984 29  LYS A CE  
309 N NZ  A LYS A 30 ? 0.5670 0.4067 0.3112 -0.0770 -0.0340 0.0147  29  LYS A NZ  
310 N NZ  B LYS A 30 ? 0.5700 0.5384 0.4744 -0.0876 -0.0265 -0.1075 29  LYS A NZ  
311 N N   . GLY A 31 ? 0.3883 0.3356 0.2998 -0.0757 -0.0069 0.0812  30  GLY A N   
312 C CA  . GLY A 31 ? 0.4469 0.4030 0.3191 -0.0918 -0.0103 0.1176  30  GLY A CA  
313 C C   . GLY A 31 ? 0.4685 0.5628 0.3772 -0.0921 0.0387  0.1296  30  GLY A C   
314 O O   . GLY A 31 ? 0.5661 0.7400 0.5576 -0.1327 0.1250  0.2371  30  GLY A O   
315 N N   . NH2 A 32 ? 0.5062 0.5509 0.5482 -0.0635 0.0060  0.1617  31  NH2 A N   
316 O O   . HOH B .  ? 0.6325 0.3456 0.5570 0.0249  0.1328  0.1991  101 HOH A O   
317 O O   . HOH B .  ? 0.3999 0.7155 0.4872 -0.0589 0.0073  -0.0365 102 HOH A O   
318 O O   . HOH B .  ? 0.3664 0.4853 0.5880 -0.1945 0.0887  0.0896  103 HOH A O   
319 O O   . HOH B .  ? 0.5904 0.7636 0.3688 -0.2034 -0.0487 0.0120  104 HOH A O   
320 O O   . HOH B .  ? 0.3479 0.3532 0.3287 -0.0417 0.0337  0.0508  105 HOH A O   
321 O O   . HOH B .  ? 0.7449 0.4227 1.2659 0.0140  -0.4700 0.0130  106 HOH A O   
322 O O   . HOH B .  ? 0.3976 0.3178 0.5893 -0.0100 -0.1591 0.0867  107 HOH A O   
323 O O   . HOH B .  ? 0.4623 0.5501 0.3758 -0.1835 -0.0519 0.1903  108 HOH A O   
324 O O   . HOH B .  ? 0.1571 0.2056 0.2760 0.0493  0.0039  0.0241  109 HOH A O   
325 O O   . HOH B .  ? 0.2275 0.3065 0.2797 0.0685  -0.0017 -0.0415 110 HOH A O   
326 O O   . HOH B .  ? 0.3050 0.2700 0.6790 0.0727  0.0516  0.1706  111 HOH A O   
327 O O   . HOH B .  ? 0.3697 0.2868 0.4804 0.0267  0.0606  0.0393  112 HOH A O   
328 O O   . HOH B .  ? 0.3432 0.2175 0.3523 0.0506  -0.0109 -0.0614 113 HOH A O   
329 O O   . HOH B .  ? 0.2841 0.5480 0.2837 0.0406  0.0157  0.0103  114 HOH A O   
330 O O   . HOH B .  ? 0.3952 0.5075 0.3804 -0.0652 -0.0351 0.1805  115 HOH A O   
331 O O   . HOH B .  ? 0.8816 0.4490 0.3921 0.2410  0.1060  0.0280  116 HOH A O   
332 O O   . HOH B .  ? 0.4150 0.7607 0.6811 -0.0293 0.1702  0.0262  117 HOH A O   
333 O O   . HOH B .  ? 0.5080 0.6103 0.6205 0.0520  0.1433  -0.1189 118 HOH A O   
334 O O   . HOH B .  ? 0.6910 0.4250 0.5674 -0.0999 -0.1809 -0.0198 119 HOH A O   
335 O O   . HOH B .  ? 0.4479 0.8978 0.6904 -0.2101 -0.0096 0.0783  120 HOH A O   
336 O O   . HOH B .  ? 0.7991 0.4788 1.0110 0.2660  0.0266  0.0012  121 HOH A O   
337 O O   . HOH B .  ? 0.4623 0.4851 0.4079 -0.0032 -0.0263 0.1000  122 HOH A O   
338 O O   . HOH B .  ? 0.6365 0.2413 0.4871 0.0142  -0.0329 -0.0095 123 HOH A O   
339 O O   . HOH B .  ? 0.2126 0.2319 0.3159 0.0275  -0.0155 0.0702  124 HOH A O   
340 O O   . HOH B .  ? 0.6019 0.4748 0.6675 -0.2286 -0.1433 0.1066  125 HOH A O   
341 O O   . HOH B .  ? 0.5042 0.4803 0.5378 0.3119  -0.1011 -0.0717 126 HOH A O   
# 
